data_5KCG
#
_entry.id   5KCG
#
_cell.length_a   96.200
_cell.length_b   135.810
_cell.length_c   69.520
_cell.angle_alpha   90.00
_cell.angle_beta   90.00
_cell.angle_gamma   90.00
#
_symmetry.space_group_name_H-M   'P 21 21 2'
#
loop_
_entity.id
_entity.type
_entity.pdbx_description
1 polymer 'aromatic prenyltransferase'
2 water water
#
_entity_poly.entity_id   1
_entity_poly.type   'polypeptide(L)'
_entity_poly.pdbx_seq_one_letter_code
;GPLGSRPWQILSQALGFPNYDQELWWQNTAETLNRVLEQCDYSVHLQYKYLAFYHKYILPSLGPFRRPGVEPEYISGLSH
GGHPLEISVKIDKSKTICRLGLQAIGPLAGTARDPLNSFGDRELLKNLATLLPHVDLRLFDHFNAQVGLDRAQCAVATTK
LIKESHNIVCTSLDLKDGEVIPKVYFSTIPKGLVTETPLFDLTFAAIEQMEVYHKDAPLRTALSSLKDFLRPRVPTDASI
TPPLTGLIGVDCIDPMLSRLKVYLATFRMDLSLIRDYWTLGGLLTDAGTMKGLEMVETLAKTLKLGDEACETLDAERLPF
GINYAMKPGTAELAPPQIYFPLLGINDGFIADALVEFFQYMGWEDQANRYKDELKAKFPNVDISQTKNVHRWLGVAYSET
KGPSMNIYYDVVAGNVARV
;
_entity_poly.pdbx_strand_id   A,B
#
# COMPACT_ATOMS: atom_id res chain seq x y z
N ARG A 6 8.11 -29.58 24.74
CA ARG A 6 7.98 -29.34 23.24
C ARG A 6 7.68 -27.80 23.01
N PRO A 7 8.39 -27.18 22.10
CA PRO A 7 8.24 -25.72 21.90
C PRO A 7 6.78 -25.30 21.68
N TRP A 8 5.98 -26.03 20.89
CA TRP A 8 4.66 -25.61 20.64
C TRP A 8 3.77 -25.62 21.88
N GLN A 9 4.03 -26.58 22.79
CA GLN A 9 3.38 -26.62 24.03
C GLN A 9 3.87 -25.55 25.01
N ILE A 10 5.16 -25.37 25.14
CA ILE A 10 5.70 -24.38 26.01
C ILE A 10 5.15 -22.96 25.64
N LEU A 11 5.13 -22.66 24.36
CA LEU A 11 4.59 -21.35 23.93
C LEU A 11 3.10 -21.20 24.25
N SER A 12 2.32 -22.27 24.08
CA SER A 12 0.91 -22.28 24.47
C SER A 12 0.75 -21.97 25.98
N GLN A 13 1.58 -22.59 26.81
CA GLN A 13 1.59 -22.34 28.25
C GLN A 13 2.02 -20.93 28.69
N ALA A 14 2.98 -20.38 27.99
CA ALA A 14 3.53 -19.05 28.29
C ALA A 14 2.64 -17.90 27.85
N LEU A 15 2.02 -18.09 26.67
CA LEU A 15 1.36 -17.05 25.96
C LEU A 15 -0.14 -17.06 26.09
N GLY A 16 -0.73 -18.24 26.11
CA GLY A 16 -2.21 -18.37 25.95
C GLY A 16 -2.72 -17.73 24.67
N PHE A 17 -3.94 -17.29 24.66
CA PHE A 17 -4.65 -16.86 23.45
C PHE A 17 -5.64 -15.73 23.70
N PRO A 18 -5.71 -14.73 22.83
CA PRO A 18 -6.56 -13.53 23.02
C PRO A 18 -8.04 -13.91 22.82
N ASN A 19 -8.30 -15.01 22.07
CA ASN A 19 -9.66 -15.44 21.83
C ASN A 19 -9.66 -16.93 21.47
N TYR A 20 -10.84 -17.49 21.41
CA TYR A 20 -10.95 -18.92 21.17
C TYR A 20 -10.60 -19.36 19.77
N ASP A 21 -10.82 -18.51 18.75
CA ASP A 21 -10.47 -18.88 17.42
C ASP A 21 -8.92 -19.05 17.27
N GLN A 22 -8.16 -18.16 17.88
CA GLN A 22 -6.69 -18.30 17.89
C GLN A 22 -6.23 -19.60 18.61
N GLU A 23 -6.90 -19.94 19.71
CA GLU A 23 -6.62 -21.17 20.43
C GLU A 23 -6.87 -22.42 19.55
N LEU A 24 -7.97 -22.40 18.81
CA LEU A 24 -8.29 -23.47 17.89
C LEU A 24 -7.27 -23.56 16.76
N TRP A 25 -6.86 -22.43 16.24
CA TRP A 25 -5.82 -22.45 15.23
C TRP A 25 -4.54 -23.09 15.74
N TRP A 26 -4.15 -22.75 16.95
CA TRP A 26 -2.98 -23.34 17.54
C TRP A 26 -3.12 -24.85 17.73
N GLN A 27 -4.26 -25.25 18.25
CA GLN A 27 -4.49 -26.66 18.57
C GLN A 27 -4.57 -27.50 17.33
N ASN A 28 -4.84 -26.89 16.18
CA ASN A 28 -4.94 -27.61 14.93
C ASN A 28 -3.81 -27.40 13.93
N THR A 29 -2.81 -26.61 14.28
CA THR A 29 -1.66 -26.39 13.42
C THR A 29 -0.30 -26.38 14.03
N ALA A 30 -0.16 -26.01 15.30
CA ALA A 30 1.14 -25.69 15.80
C ALA A 30 2.02 -26.93 16.08
N GLU A 31 1.40 -28.03 16.47
CA GLU A 31 2.16 -29.29 16.64
C GLU A 31 2.76 -29.77 15.29
N THR A 32 1.94 -29.82 14.26
CA THR A 32 2.42 -30.08 12.89
C THR A 32 3.55 -29.17 12.48
N LEU A 33 3.37 -27.87 12.71
CA LEU A 33 4.42 -26.96 12.39
C LEU A 33 5.70 -27.24 13.19
N ASN A 34 5.61 -27.51 14.47
CA ASN A 34 6.83 -27.79 15.24
C ASN A 34 7.52 -29.06 14.63
N ARG A 35 6.70 -30.01 14.26
CA ARG A 35 7.17 -31.30 13.68
C ARG A 35 7.80 -31.07 12.35
N VAL A 36 7.20 -30.21 11.52
CA VAL A 36 7.85 -29.87 10.25
C VAL A 36 9.21 -29.23 10.49
N LEU A 37 9.26 -28.26 11.39
CA LEU A 37 10.52 -27.59 11.64
C LEU A 37 11.60 -28.56 12.18
N GLU A 38 11.23 -29.39 13.13
CA GLU A 38 12.16 -30.41 13.62
C GLU A 38 12.72 -31.29 12.46
N GLN A 39 11.83 -31.78 11.63
CA GLN A 39 12.15 -32.64 10.55
C GLN A 39 13.05 -31.94 9.51
N CYS A 40 13.00 -30.61 9.41
CA CYS A 40 13.88 -29.88 8.54
C CYS A 40 15.21 -29.54 9.20
N ASP A 41 15.42 -30.07 10.39
CA ASP A 41 16.65 -29.91 11.10
C ASP A 41 16.88 -28.45 11.60
N TYR A 42 15.79 -27.76 11.97
CA TYR A 42 15.90 -26.43 12.58
C TYR A 42 16.21 -26.69 13.99
N SER A 43 17.14 -25.92 14.56
CA SER A 43 17.53 -26.01 15.94
C SER A 43 16.36 -25.65 16.84
N VAL A 44 16.51 -25.99 18.12
CA VAL A 44 15.50 -25.67 19.08
C VAL A 44 15.26 -24.14 19.10
N HIS A 45 16.32 -23.34 18.98
CA HIS A 45 16.21 -21.93 19.04
C HIS A 45 15.39 -21.41 17.83
N LEU A 46 15.58 -21.98 16.66
CA LEU A 46 14.73 -21.58 15.53
C LEU A 46 13.30 -22.12 15.58
N GLN A 47 13.09 -23.30 16.17
CA GLN A 47 11.76 -23.75 16.46
C GLN A 47 11.01 -22.72 17.33
N TYR A 48 11.64 -22.24 18.39
CA TYR A 48 11.04 -21.19 19.24
C TYR A 48 10.82 -19.90 18.37
N LYS A 49 11.84 -19.51 17.59
CA LYS A 49 11.76 -18.28 16.80
C LYS A 49 10.51 -18.30 15.89
N TYR A 50 10.35 -19.38 15.12
CA TYR A 50 9.29 -19.42 14.18
C TYR A 50 7.91 -19.68 14.77
N LEU A 51 7.88 -20.47 15.83
CA LEU A 51 6.62 -20.70 16.52
C LEU A 51 6.16 -19.44 17.24
N ALA A 52 7.07 -18.70 17.85
CA ALA A 52 6.72 -17.44 18.52
C ALA A 52 6.20 -16.43 17.49
N PHE A 53 6.89 -16.32 16.38
CA PHE A 53 6.48 -15.50 15.22
C PHE A 53 5.08 -15.87 14.77
N TYR A 54 4.84 -17.17 14.60
CA TYR A 54 3.54 -17.67 14.17
C TYR A 54 2.43 -17.26 15.17
N HIS A 55 2.65 -17.42 16.45
CA HIS A 55 1.71 -17.06 17.52
C HIS A 55 1.29 -15.56 17.40
N LYS A 56 2.31 -14.71 17.22
CA LYS A 56 2.10 -13.27 17.28
C LYS A 56 1.51 -12.74 16.02
N TYR A 57 2.07 -13.11 14.87
CA TYR A 57 1.77 -12.48 13.62
C TYR A 57 0.77 -13.21 12.78
N ILE A 58 0.79 -14.55 12.84
CA ILE A 58 -0.05 -15.32 11.93
C ILE A 58 -1.39 -15.69 12.61
N LEU A 59 -1.40 -16.13 13.87
CA LEU A 59 -2.69 -16.45 14.47
C LEU A 59 -3.80 -15.34 14.30
N PRO A 60 -3.52 -14.10 14.67
CA PRO A 60 -4.57 -13.09 14.47
C PRO A 60 -4.91 -12.81 13.02
N SER A 61 -4.04 -13.19 12.08
CA SER A 61 -4.30 -13.01 10.70
C SER A 61 -5.21 -14.11 10.13
N LEU A 62 -5.38 -15.22 10.86
CA LEU A 62 -6.15 -16.37 10.30
C LEU A 62 -7.65 -16.27 10.43
N GLY A 63 -8.15 -15.24 11.09
CA GLY A 63 -9.56 -15.05 11.22
C GLY A 63 -10.22 -16.14 12.06
N PRO A 64 -11.55 -16.26 11.96
CA PRO A 64 -12.29 -17.22 12.72
C PRO A 64 -11.96 -18.63 12.25
N PHE A 65 -11.99 -19.59 13.14
CA PHE A 65 -11.65 -20.97 12.75
C PHE A 65 -12.99 -21.66 12.32
N ARG A 66 -13.16 -21.86 11.03
CA ARG A 66 -14.38 -22.49 10.47
C ARG A 66 -14.52 -23.91 11.00
N ARG A 67 -15.70 -24.15 11.55
CA ARG A 67 -15.99 -25.37 12.28
C ARG A 67 -17.55 -25.53 12.32
N PRO A 68 -18.02 -26.71 12.70
CA PRO A 68 -19.45 -26.90 12.87
C PRO A 68 -20.06 -25.87 13.83
N GLY A 69 -21.07 -25.16 13.35
CA GLY A 69 -21.72 -24.14 14.11
C GLY A 69 -21.11 -22.76 13.95
N VAL A 70 -19.91 -22.64 13.34
CA VAL A 70 -19.36 -21.29 13.03
C VAL A 70 -18.92 -21.21 11.57
N GLU A 71 -19.66 -20.45 10.81
CA GLU A 71 -19.43 -20.23 9.40
C GLU A 71 -19.02 -18.76 9.18
N PRO A 72 -17.75 -18.53 8.93
CA PRO A 72 -17.23 -17.16 8.78
C PRO A 72 -17.86 -16.42 7.63
N GLU A 73 -17.76 -15.09 7.60
CA GLU A 73 -18.20 -14.32 6.48
C GLU A 73 -17.27 -14.51 5.28
N TYR A 74 -16.00 -14.84 5.53
CA TYR A 74 -15.01 -15.01 4.45
C TYR A 74 -14.53 -16.47 4.40
N ILE A 75 -14.60 -17.07 3.23
CA ILE A 75 -14.14 -18.48 3.00
C ILE A 75 -12.91 -18.42 2.05
N SER A 76 -11.80 -19.02 2.44
CA SER A 76 -10.59 -19.01 1.62
C SER A 76 -10.60 -20.26 0.69
N GLY A 77 -10.16 -20.06 -0.54
CA GLY A 77 -9.84 -21.21 -1.42
C GLY A 77 -8.48 -21.85 -1.22
N LEU A 78 -7.73 -21.44 -0.18
CA LEU A 78 -6.41 -22.07 0.09
C LEU A 78 -6.47 -23.52 0.60
N SER A 79 -7.60 -23.94 1.12
CA SER A 79 -7.66 -25.29 1.72
C SER A 79 -9.03 -25.89 1.49
N HIS A 80 -9.20 -27.17 1.81
CA HIS A 80 -10.44 -27.87 1.43
C HIS A 80 -11.58 -27.42 2.34
N GLY A 81 -11.29 -27.25 3.63
CA GLY A 81 -12.31 -26.79 4.55
C GLY A 81 -12.57 -25.27 4.58
N GLY A 82 -11.91 -24.50 3.73
CA GLY A 82 -12.11 -23.05 3.67
C GLY A 82 -11.25 -22.20 4.64
N HIS A 83 -10.29 -22.87 5.31
CA HIS A 83 -9.32 -22.28 6.17
C HIS A 83 -8.15 -21.58 5.36
N PRO A 84 -7.78 -20.33 5.75
CA PRO A 84 -6.84 -19.56 4.91
C PRO A 84 -5.42 -19.93 5.26
N LEU A 85 -5.06 -21.23 5.22
CA LEU A 85 -3.68 -21.65 5.63
C LEU A 85 -3.23 -22.85 4.86
N GLU A 86 -1.94 -22.94 4.59
CA GLU A 86 -1.24 -24.05 3.98
C GLU A 86 0.22 -24.07 4.55
N ILE A 87 0.85 -25.23 4.73
CA ILE A 87 2.24 -25.31 5.12
C ILE A 87 2.92 -26.17 4.05
N SER A 88 4.11 -25.77 3.64
CA SER A 88 4.84 -26.49 2.61
C SER A 88 6.26 -26.69 3.00
N VAL A 89 6.88 -27.70 2.39
CA VAL A 89 8.31 -27.97 2.55
C VAL A 89 8.92 -27.96 1.16
N LYS A 90 10.12 -27.44 1.06
CA LYS A 90 10.88 -27.36 -0.20
C LYS A 90 12.12 -28.22 0.04
N ILE A 91 12.22 -29.30 -0.72
CA ILE A 91 13.24 -30.30 -0.55
C ILE A 91 14.16 -30.21 -1.72
N ASP A 92 15.46 -30.08 -1.48
CA ASP A 92 16.44 -30.18 -2.53
C ASP A 92 17.57 -31.12 -2.06
N LYS A 93 18.58 -31.31 -2.91
CA LYS A 93 19.72 -32.19 -2.62
C LYS A 93 20.11 -32.08 -1.17
N SER A 94 20.60 -30.88 -0.80
CA SER A 94 21.25 -30.65 0.49
C SER A 94 20.31 -30.38 1.68
N LYS A 95 19.16 -29.70 1.48
CA LYS A 95 18.35 -29.27 2.64
C LYS A 95 16.86 -29.22 2.38
N THR A 96 16.11 -29.04 3.47
CA THR A 96 14.68 -28.85 3.42
C THR A 96 14.39 -27.56 4.23
N ILE A 97 13.60 -26.67 3.66
CA ILE A 97 13.09 -25.50 4.39
C ILE A 97 11.56 -25.58 4.40
N CYS A 98 10.94 -24.85 5.32
CA CYS A 98 9.47 -24.81 5.56
C CYS A 98 8.88 -23.46 5.03
N ARG A 99 7.64 -23.42 4.52
CA ARG A 99 7.03 -22.19 4.12
C ARG A 99 5.61 -22.19 4.63
N LEU A 100 5.11 -21.04 5.08
CA LEU A 100 3.67 -20.90 5.40
C LEU A 100 3.00 -20.14 4.29
N GLY A 101 1.79 -20.54 3.97
CA GLY A 101 0.98 -19.84 3.00
C GLY A 101 -0.34 -19.51 3.63
N LEU A 102 -0.84 -18.30 3.45
CA LEU A 102 -2.10 -17.91 4.00
C LEU A 102 -2.70 -16.69 3.33
N GLN A 103 -3.89 -16.36 3.80
CA GLN A 103 -4.54 -15.16 3.46
C GLN A 103 -4.72 -14.52 4.81
N ALA A 104 -4.30 -13.29 4.95
CA ALA A 104 -4.53 -12.57 6.13
C ALA A 104 -5.95 -11.98 6.13
N ILE A 105 -6.77 -12.42 7.05
CA ILE A 105 -8.20 -12.08 7.02
C ILE A 105 -8.44 -10.81 7.79
N GLY A 106 -8.92 -9.78 7.11
CA GLY A 106 -9.41 -8.62 7.82
C GLY A 106 -10.72 -8.84 8.55
N PRO A 107 -11.00 -8.02 9.60
CA PRO A 107 -12.16 -8.24 10.43
C PRO A 107 -13.49 -7.81 9.75
N LEU A 108 -13.45 -7.20 8.57
CA LEU A 108 -14.70 -6.96 7.79
C LEU A 108 -14.71 -7.73 6.50
N ALA A 109 -13.76 -8.67 6.37
CA ALA A 109 -13.62 -9.44 5.15
C ALA A 109 -14.91 -10.21 4.81
N GLY A 110 -15.27 -10.18 3.55
CA GLY A 110 -16.47 -10.85 3.01
C GLY A 110 -17.79 -10.16 3.34
N THR A 111 -17.75 -8.92 3.75
CA THR A 111 -18.91 -8.09 4.00
C THR A 111 -18.83 -6.91 3.03
N ALA A 112 -19.85 -6.05 3.04
CA ALA A 112 -19.92 -4.94 2.10
C ALA A 112 -18.74 -3.93 2.23
N ARG A 113 -18.18 -3.80 3.41
CA ARG A 113 -17.06 -2.90 3.59
C ARG A 113 -15.72 -3.44 3.09
N ASP A 114 -15.67 -4.72 2.81
CA ASP A 114 -14.39 -5.34 2.31
C ASP A 114 -14.65 -6.68 1.60
N PRO A 115 -15.33 -6.64 0.44
CA PRO A 115 -15.84 -7.84 -0.15
C PRO A 115 -14.76 -8.87 -0.61
N LEU A 116 -13.58 -8.41 -1.04
CA LEU A 116 -12.51 -9.34 -1.49
C LEU A 116 -11.30 -9.45 -0.54
N ASN A 117 -11.47 -9.01 0.72
CA ASN A 117 -10.43 -9.10 1.73
C ASN A 117 -9.21 -8.36 1.24
N SER A 118 -9.41 -7.09 0.91
CA SER A 118 -8.38 -6.25 0.26
C SER A 118 -7.29 -5.63 1.19
N PHE A 119 -7.39 -5.81 2.48
CA PHE A 119 -6.57 -5.04 3.42
C PHE A 119 -5.68 -5.89 4.31
N GLY A 120 -6.11 -7.09 4.62
CA GLY A 120 -5.45 -7.80 5.68
C GLY A 120 -3.99 -8.15 5.35
N ASP A 121 -3.70 -8.55 4.13
CA ASP A 121 -2.34 -8.99 3.77
C ASP A 121 -1.38 -7.84 3.87
N ARG A 122 -1.78 -6.69 3.36
CA ARG A 122 -0.96 -5.46 3.54
C ARG A 122 -0.74 -5.06 5.00
N GLU A 123 -1.77 -5.22 5.84
CA GLU A 123 -1.61 -4.91 7.25
C GLU A 123 -0.58 -5.89 7.90
N LEU A 124 -0.65 -7.18 7.59
CA LEU A 124 0.36 -8.12 8.06
C LEU A 124 1.76 -7.72 7.53
N LEU A 125 1.83 -7.37 6.25
CA LEU A 125 3.12 -7.03 5.66
C LEU A 125 3.78 -5.79 6.27
N LYS A 126 2.92 -4.82 6.60
CA LYS A 126 3.34 -3.61 7.32
C LYS A 126 4.01 -3.98 8.63
N ASN A 127 3.34 -4.89 9.36
CA ASN A 127 3.93 -5.38 10.63
C ASN A 127 5.19 -6.17 10.38
N LEU A 128 5.25 -6.95 9.31
CA LEU A 128 6.56 -7.58 8.98
C LEU A 128 7.68 -6.63 8.60
N ALA A 129 7.36 -5.51 7.95
CA ALA A 129 8.34 -4.48 7.60
C ALA A 129 8.94 -3.78 8.82
N THR A 130 8.19 -3.64 9.92
CA THR A 130 8.75 -3.10 11.15
C THR A 130 9.54 -4.17 11.90
N LEU A 131 9.15 -5.43 11.71
CA LEU A 131 9.86 -6.53 12.37
C LEU A 131 11.20 -6.83 11.69
N LEU A 132 11.20 -6.83 10.38
CA LEU A 132 12.32 -7.32 9.58
C LEU A 132 12.90 -6.27 8.64
N PRO A 133 14.18 -5.97 8.75
CA PRO A 133 14.79 -4.89 7.89
C PRO A 133 14.80 -5.14 6.38
N HIS A 134 14.81 -6.39 5.98
CA HIS A 134 14.90 -6.69 4.54
C HIS A 134 13.53 -6.69 3.80
N VAL A 135 12.46 -6.51 4.55
CA VAL A 135 11.12 -6.50 3.94
C VAL A 135 10.85 -5.15 3.26
N ASP A 136 10.38 -5.21 2.04
CA ASP A 136 10.24 -4.04 1.21
C ASP A 136 8.90 -4.18 0.59
N LEU A 137 8.02 -3.20 0.81
CA LEU A 137 6.62 -3.27 0.32
C LEU A 137 6.35 -2.62 -1.01
N ARG A 138 7.40 -2.19 -1.70
CA ARG A 138 7.16 -1.38 -2.88
C ARG A 138 6.57 -2.18 -4.01
N LEU A 139 6.96 -3.45 -4.17
CA LEU A 139 6.32 -4.20 -5.20
C LEU A 139 4.87 -4.59 -4.90
N PHE A 140 4.60 -4.91 -3.64
CA PHE A 140 3.27 -5.14 -3.19
C PHE A 140 2.42 -3.93 -3.62
N ASP A 141 2.87 -2.75 -3.24
CA ASP A 141 2.09 -1.57 -3.48
C ASP A 141 1.88 -1.31 -4.92
N HIS A 142 2.93 -1.53 -5.73
CA HIS A 142 2.77 -1.39 -7.16
C HIS A 142 1.64 -2.24 -7.73
N PHE A 143 1.67 -3.55 -7.43
CA PHE A 143 0.68 -4.45 -8.00
C PHE A 143 -0.71 -4.26 -7.32
N ASN A 144 -0.72 -3.89 -6.09
CA ASN A 144 -1.98 -3.55 -5.43
C ASN A 144 -2.61 -2.34 -6.14
N ALA A 145 -1.78 -1.40 -6.59
CA ALA A 145 -2.29 -0.27 -7.33
C ALA A 145 -2.83 -0.65 -8.70
N GLN A 146 -2.17 -1.55 -9.41
CA GLN A 146 -2.51 -1.81 -10.81
C GLN A 146 -3.58 -2.91 -10.99
N VAL A 147 -3.61 -3.92 -10.13
CA VAL A 147 -4.62 -4.94 -10.25
C VAL A 147 -5.67 -4.96 -9.11
N GLY A 148 -5.51 -4.14 -8.06
CA GLY A 148 -6.56 -4.01 -7.06
C GLY A 148 -7.82 -3.34 -7.59
N LEU A 149 -8.88 -3.46 -6.81
CA LEU A 149 -10.18 -2.94 -7.21
C LEU A 149 -10.76 -2.04 -6.12
N ASP A 150 -11.53 -1.02 -6.52
CA ASP A 150 -12.28 -0.23 -5.50
C ASP A 150 -13.47 -0.98 -4.95
N ARG A 151 -14.14 -0.44 -3.93
CA ARG A 151 -15.19 -1.23 -3.26
C ARG A 151 -16.33 -1.61 -4.18
N ALA A 152 -16.81 -0.68 -5.02
CA ALA A 152 -17.92 -1.01 -5.95
C ALA A 152 -17.47 -2.11 -6.95
N GLN A 153 -16.23 -2.03 -7.43
CA GLN A 153 -15.70 -3.08 -8.30
C GLN A 153 -15.56 -4.41 -7.56
N CYS A 154 -15.17 -4.38 -6.27
CA CYS A 154 -15.08 -5.62 -5.46
C CYS A 154 -16.48 -6.29 -5.28
N ALA A 155 -17.46 -5.46 -5.03
CA ALA A 155 -18.87 -5.94 -4.98
C ALA A 155 -19.31 -6.57 -6.28
N VAL A 156 -19.06 -5.91 -7.41
CA VAL A 156 -19.35 -6.54 -8.70
C VAL A 156 -18.64 -7.87 -8.80
N ALA A 157 -17.35 -7.88 -8.46
CA ALA A 157 -16.60 -9.11 -8.62
C ALA A 157 -17.19 -10.25 -7.81
N THR A 158 -17.68 -9.97 -6.60
CA THR A 158 -18.29 -11.09 -5.82
C THR A 158 -19.54 -11.70 -6.50
N THR A 159 -20.19 -10.95 -7.38
CA THR A 159 -21.36 -11.48 -8.14
C THR A 159 -20.93 -12.37 -9.28
N LYS A 160 -19.63 -12.40 -9.59
CA LYS A 160 -19.14 -13.18 -10.71
C LYS A 160 -18.24 -14.29 -10.33
N LEU A 161 -18.04 -14.49 -9.03
CA LEU A 161 -17.06 -15.41 -8.58
C LEU A 161 -17.70 -16.22 -7.53
N ILE A 162 -17.35 -17.47 -7.46
CA ILE A 162 -17.73 -18.30 -6.32
C ILE A 162 -17.10 -17.77 -5.02
N LYS A 163 -17.78 -18.03 -3.92
CA LYS A 163 -17.35 -17.57 -2.57
C LYS A 163 -15.86 -17.84 -2.22
N GLU A 164 -15.34 -19.01 -2.57
CA GLU A 164 -13.92 -19.36 -2.32
C GLU A 164 -12.87 -18.60 -3.17
N SER A 165 -13.32 -17.81 -4.15
CA SER A 165 -12.44 -17.00 -5.00
C SER A 165 -12.66 -15.51 -4.82
N HIS A 166 -13.17 -15.11 -3.65
CA HIS A 166 -13.33 -13.71 -3.34
C HIS A 166 -12.03 -13.17 -2.72
N ASN A 167 -11.00 -13.11 -3.53
CA ASN A 167 -9.64 -12.79 -3.04
C ASN A 167 -8.93 -12.06 -4.10
N ILE A 168 -8.01 -11.22 -3.70
CA ILE A 168 -7.20 -10.48 -4.61
C ILE A 168 -5.72 -10.80 -4.37
N VAL A 169 -5.34 -11.24 -3.20
CA VAL A 169 -3.89 -11.47 -2.91
C VAL A 169 -3.75 -12.62 -1.92
N CYS A 170 -2.65 -13.33 -1.95
CA CYS A 170 -2.33 -14.19 -0.85
C CYS A 170 -0.83 -14.10 -0.61
N THR A 171 -0.42 -14.61 0.52
CA THR A 171 0.95 -14.36 1.05
C THR A 171 1.63 -15.69 1.37
N SER A 172 2.93 -15.79 1.14
CA SER A 172 3.71 -16.94 1.53
C SER A 172 4.90 -16.45 2.32
N LEU A 173 5.32 -17.19 3.31
CA LEU A 173 6.40 -16.76 4.16
C LEU A 173 7.41 -17.91 4.11
N ASP A 174 8.56 -17.67 3.52
CA ASP A 174 9.65 -18.70 3.51
C ASP A 174 10.43 -18.62 4.79
N LEU A 175 10.49 -19.72 5.52
CA LEU A 175 11.19 -19.78 6.78
C LEU A 175 12.59 -20.36 6.48
N LYS A 176 13.42 -19.51 5.92
CA LYS A 176 14.72 -19.89 5.45
C LYS A 176 15.85 -19.62 6.43
N ASP A 177 16.20 -20.68 7.15
CA ASP A 177 17.27 -20.67 8.13
C ASP A 177 17.40 -19.35 8.88
N GLY A 178 16.50 -19.15 9.81
CA GLY A 178 16.52 -17.96 10.61
C GLY A 178 15.70 -16.79 10.17
N GLU A 179 15.55 -16.61 8.88
CA GLU A 179 14.87 -15.46 8.41
C GLU A 179 13.43 -15.79 8.02
N VAL A 180 12.65 -14.76 7.83
CA VAL A 180 11.31 -14.84 7.17
C VAL A 180 11.33 -14.04 5.91
N ILE A 181 11.10 -14.67 4.79
CA ILE A 181 11.07 -13.99 3.49
C ILE A 181 9.62 -13.98 2.91
N PRO A 182 8.95 -12.84 2.88
CA PRO A 182 7.58 -12.79 2.34
C PRO A 182 7.53 -12.70 0.86
N LYS A 183 6.54 -13.39 0.29
CA LYS A 183 6.22 -13.28 -1.10
C LYS A 183 4.71 -13.17 -1.18
N VAL A 184 4.22 -12.57 -2.26
CA VAL A 184 2.78 -12.45 -2.46
C VAL A 184 2.41 -12.83 -3.87
N TYR A 185 1.16 -13.25 -4.04
CA TYR A 185 0.61 -13.48 -5.34
C TYR A 185 -0.67 -12.74 -5.49
N PHE A 186 -0.77 -11.94 -6.55
CA PHE A 186 -1.98 -11.19 -6.85
C PHE A 186 -2.80 -11.86 -7.92
N SER A 187 -4.11 -11.96 -7.71
CA SER A 187 -4.99 -12.57 -8.72
C SER A 187 -5.35 -11.55 -9.76
N THR A 188 -5.36 -12.00 -11.01
CA THR A 188 -5.73 -11.12 -12.13
C THR A 188 -7.23 -11.26 -12.50
N ILE A 189 -7.84 -12.31 -12.08
CA ILE A 189 -9.20 -12.62 -12.51
C ILE A 189 -10.26 -11.60 -12.07
N PRO A 190 -10.22 -11.18 -10.80
CA PRO A 190 -11.25 -10.16 -10.48
C PRO A 190 -11.24 -8.89 -11.33
N LYS A 191 -10.03 -8.36 -11.61
CA LYS A 191 -9.98 -7.19 -12.46
C LYS A 191 -10.39 -7.56 -13.92
N GLY A 192 -9.98 -8.74 -14.36
CA GLY A 192 -10.30 -9.21 -15.73
C GLY A 192 -11.82 -9.22 -15.88
N LEU A 193 -12.49 -9.80 -14.89
CA LEU A 193 -13.96 -9.94 -14.90
C LEU A 193 -14.67 -8.64 -14.79
N VAL A 194 -14.17 -7.75 -13.94
CA VAL A 194 -14.88 -6.49 -13.70
C VAL A 194 -14.66 -5.53 -14.82
N THR A 195 -13.46 -5.51 -15.38
CA THR A 195 -13.19 -4.56 -16.42
C THR A 195 -13.36 -5.14 -17.82
N GLU A 196 -13.57 -6.45 -17.96
CA GLU A 196 -13.63 -7.13 -19.27
C GLU A 196 -12.39 -6.84 -20.08
N THR A 197 -11.26 -7.14 -19.49
CA THR A 197 -9.96 -6.93 -20.07
C THR A 197 -9.35 -8.31 -20.10
N PRO A 198 -8.71 -8.70 -21.22
CA PRO A 198 -8.03 -10.00 -21.29
C PRO A 198 -6.97 -10.07 -20.20
N LEU A 199 -6.86 -11.23 -19.57
CA LEU A 199 -6.02 -11.41 -18.47
C LEU A 199 -4.60 -11.18 -18.88
N PHE A 200 -4.26 -11.62 -20.10
CA PHE A 200 -2.91 -11.44 -20.65
C PHE A 200 -2.52 -9.95 -20.66
N ASP A 201 -3.42 -9.14 -21.17
CA ASP A 201 -3.17 -7.75 -21.31
C ASP A 201 -3.06 -7.05 -19.98
N LEU A 202 -3.91 -7.38 -19.03
CA LEU A 202 -3.86 -6.64 -17.70
C LEU A 202 -2.61 -7.08 -16.90
N THR A 203 -2.20 -8.32 -17.05
CA THR A 203 -0.99 -8.83 -16.47
C THR A 203 0.24 -8.13 -17.00
N PHE A 204 0.43 -8.13 -18.33
CA PHE A 204 1.64 -7.46 -18.81
C PHE A 204 1.57 -5.93 -18.75
N ALA A 205 0.38 -5.35 -18.80
CA ALA A 205 0.32 -3.87 -18.64
C ALA A 205 0.83 -3.48 -17.24
N ALA A 206 0.42 -4.22 -16.21
CA ALA A 206 0.85 -3.92 -14.84
C ALA A 206 2.38 -4.11 -14.69
N ILE A 207 2.88 -5.23 -15.14
CA ILE A 207 4.32 -5.49 -15.12
C ILE A 207 5.14 -4.39 -15.84
N GLU A 208 4.68 -3.98 -17.01
CA GLU A 208 5.39 -3.04 -17.81
C GLU A 208 5.38 -1.60 -17.22
N GLN A 209 4.56 -1.35 -16.19
CA GLN A 209 4.62 -0.10 -15.48
C GLN A 209 5.56 -0.16 -14.28
N MET A 210 6.15 -1.31 -13.94
CA MET A 210 7.12 -1.35 -12.85
C MET A 210 8.32 -0.43 -13.12
N GLU A 211 8.77 0.29 -12.10
CA GLU A 211 10.05 1.06 -12.21
C GLU A 211 11.24 0.18 -12.67
N VAL A 212 11.38 -0.98 -12.06
CA VAL A 212 12.46 -1.90 -12.38
C VAL A 212 12.39 -2.41 -13.82
N TYR A 213 11.20 -2.57 -14.37
CA TYR A 213 11.04 -2.90 -15.78
C TYR A 213 11.60 -1.77 -16.68
N HIS A 214 11.29 -0.51 -16.33
CA HIS A 214 11.82 0.64 -17.09
C HIS A 214 13.36 0.78 -17.00
N LYS A 215 13.93 0.35 -15.91
CA LYS A 215 15.35 0.46 -15.65
C LYS A 215 16.15 -0.72 -16.21
N ASP A 216 15.53 -1.87 -16.40
CA ASP A 216 16.27 -3.11 -16.57
C ASP A 216 16.05 -3.83 -17.91
N ALA A 217 16.98 -3.64 -18.84
CA ALA A 217 16.88 -4.21 -20.19
C ALA A 217 16.73 -5.76 -20.15
N PRO A 218 17.48 -6.45 -19.29
CA PRO A 218 17.37 -7.86 -19.29
C PRO A 218 15.99 -8.35 -18.90
N LEU A 219 15.43 -7.77 -17.84
CA LEU A 219 14.06 -8.13 -17.41
C LEU A 219 13.13 -7.92 -18.56
N ARG A 220 13.22 -6.78 -19.24
CA ARG A 220 12.37 -6.55 -20.36
C ARG A 220 12.49 -7.59 -21.41
N THR A 221 13.70 -8.04 -21.68
CA THR A 221 13.90 -9.03 -22.73
C THR A 221 13.34 -10.38 -22.34
N ALA A 222 13.52 -10.79 -21.08
CA ALA A 222 13.02 -12.10 -20.67
C ALA A 222 11.48 -12.07 -20.71
N LEU A 223 10.87 -10.95 -20.31
CA LEU A 223 9.39 -10.78 -20.44
C LEU A 223 8.88 -10.79 -21.87
N SER A 224 9.63 -10.19 -22.78
CA SER A 224 9.24 -10.18 -24.18
C SER A 224 9.24 -11.63 -24.70
N SER A 225 10.18 -12.42 -24.29
CA SER A 225 10.18 -13.85 -24.65
C SER A 225 9.04 -14.66 -24.06
N LEU A 226 8.75 -14.43 -22.79
CA LEU A 226 7.58 -15.04 -22.19
C LEU A 226 6.29 -14.62 -22.90
N LYS A 227 6.10 -13.34 -23.20
CA LYS A 227 4.90 -12.95 -23.89
C LYS A 227 4.78 -13.64 -25.26
N ASP A 228 5.90 -13.80 -26.00
CA ASP A 228 5.85 -14.44 -27.34
C ASP A 228 5.36 -15.87 -27.18
N PHE A 229 5.81 -16.52 -26.11
CA PHE A 229 5.37 -17.86 -25.77
C PHE A 229 3.89 -17.89 -25.38
N LEU A 230 3.47 -17.00 -24.49
CA LEU A 230 2.10 -17.05 -23.97
C LEU A 230 1.06 -16.53 -24.93
N ARG A 231 1.40 -15.54 -25.75
CA ARG A 231 0.37 -14.89 -26.54
C ARG A 231 -0.52 -15.87 -27.35
N PRO A 232 0.09 -16.83 -28.09
CA PRO A 232 -0.74 -17.75 -28.87
C PRO A 232 -1.36 -18.87 -28.03
N ARG A 233 -1.02 -18.96 -26.75
CA ARG A 233 -1.49 -20.07 -25.95
C ARG A 233 -2.62 -19.67 -24.94
N VAL A 234 -2.71 -18.41 -24.53
CA VAL A 234 -3.73 -18.03 -23.56
C VAL A 234 -4.72 -17.27 -24.36
N PRO A 235 -5.93 -17.01 -23.82
CA PRO A 235 -6.97 -16.27 -24.54
C PRO A 235 -6.57 -14.85 -24.97
N THR A 236 -7.05 -14.40 -26.14
CA THR A 236 -6.83 -13.03 -26.61
C THR A 236 -8.02 -12.20 -26.25
N ASP A 237 -9.18 -12.85 -26.05
CA ASP A 237 -10.36 -12.12 -25.59
C ASP A 237 -10.36 -12.05 -24.04
N ALA A 238 -11.46 -11.58 -23.43
CA ALA A 238 -11.52 -11.44 -21.97
C ALA A 238 -11.99 -12.70 -21.25
N SER A 239 -11.95 -13.83 -21.89
CA SER A 239 -12.54 -15.03 -21.29
C SER A 239 -11.67 -15.58 -20.17
N ILE A 240 -12.33 -16.24 -19.24
CA ILE A 240 -11.61 -16.91 -18.11
C ILE A 240 -11.50 -18.37 -18.47
N THR A 241 -10.74 -18.65 -19.53
CA THR A 241 -10.52 -20.04 -19.96
C THR A 241 -9.10 -20.44 -20.10
N PRO A 242 -8.74 -21.68 -19.77
CA PRO A 242 -7.32 -22.11 -19.66
C PRO A 242 -6.63 -22.46 -20.96
N PRO A 243 -5.28 -22.46 -20.99
CA PRO A 243 -4.42 -21.95 -19.96
C PRO A 243 -4.58 -20.45 -19.84
N LEU A 244 -4.46 -19.94 -18.62
CA LEU A 244 -4.57 -18.49 -18.42
C LEU A 244 -3.57 -17.95 -17.41
N THR A 245 -3.22 -16.68 -17.57
CA THR A 245 -2.31 -16.02 -16.64
C THR A 245 -3.16 -15.57 -15.42
N GLY A 246 -3.13 -16.34 -14.37
CA GLY A 246 -4.04 -16.20 -13.20
C GLY A 246 -3.46 -15.51 -11.99
N LEU A 247 -2.12 -15.45 -11.90
CA LEU A 247 -1.46 -14.76 -10.78
C LEU A 247 -0.16 -14.14 -11.18
N ILE A 248 0.10 -12.99 -10.56
CA ILE A 248 1.44 -12.37 -10.61
C ILE A 248 2.05 -12.44 -9.21
N GLY A 249 3.27 -12.97 -9.10
CA GLY A 249 3.92 -13.08 -7.84
C GLY A 249 5.14 -12.18 -7.74
N VAL A 250 5.36 -11.63 -6.57
CA VAL A 250 6.60 -10.96 -6.25
C VAL A 250 7.12 -11.37 -4.91
N ASP A 251 8.43 -11.18 -4.70
CA ASP A 251 9.07 -11.23 -3.42
C ASP A 251 9.06 -9.83 -2.81
N CYS A 252 8.71 -9.72 -1.52
CA CYS A 252 8.57 -8.42 -0.83
C CYS A 252 9.94 -8.04 -0.26
N ILE A 253 10.86 -7.88 -1.21
CA ILE A 253 12.21 -7.47 -0.97
C ILE A 253 12.60 -6.41 -1.98
N ASP A 254 13.83 -5.92 -1.87
CA ASP A 254 14.41 -5.01 -2.87
C ASP A 254 14.01 -5.38 -4.27
N PRO A 255 13.35 -4.46 -4.97
CA PRO A 255 12.82 -4.84 -6.25
C PRO A 255 13.90 -5.27 -7.28
N MET A 256 15.16 -4.87 -7.08
CA MET A 256 16.23 -5.28 -7.95
C MET A 256 16.57 -6.70 -7.70
N LEU A 257 16.18 -7.23 -6.55
CA LEU A 257 16.46 -8.62 -6.23
C LEU A 257 15.25 -9.58 -6.33
N SER A 258 14.07 -9.00 -6.45
CA SER A 258 12.83 -9.77 -6.35
C SER A 258 12.63 -10.49 -7.61
N ARG A 259 12.26 -11.75 -7.54
CA ARG A 259 11.81 -12.50 -8.69
C ARG A 259 10.36 -12.21 -8.96
N LEU A 260 10.07 -11.87 -10.19
CA LEU A 260 8.73 -11.67 -10.68
C LEU A 260 8.20 -13.03 -11.25
N LYS A 261 6.98 -13.45 -10.85
CA LYS A 261 6.44 -14.72 -11.27
C LYS A 261 5.14 -14.49 -12.01
N VAL A 262 4.99 -15.19 -13.11
CA VAL A 262 3.75 -15.23 -13.87
C VAL A 262 3.27 -16.67 -13.83
N TYR A 263 2.11 -16.88 -13.24
CA TYR A 263 1.60 -18.19 -12.97
C TYR A 263 0.41 -18.46 -13.87
N LEU A 264 0.51 -19.56 -14.61
CA LEU A 264 -0.57 -20.05 -15.51
C LEU A 264 -1.36 -21.18 -14.84
N ALA A 265 -2.67 -21.15 -15.02
CA ALA A 265 -3.57 -22.21 -14.51
C ALA A 265 -4.16 -22.89 -15.73
N THR A 266 -4.11 -24.20 -15.73
CA THR A 266 -4.71 -25.00 -16.78
C THR A 266 -5.19 -26.40 -16.29
N PHE A 267 -6.21 -26.96 -16.92
CA PHE A 267 -6.66 -28.31 -16.51
C PHE A 267 -6.02 -29.39 -17.37
N ARG A 268 -5.67 -29.05 -18.58
CA ARG A 268 -5.23 -30.10 -19.52
C ARG A 268 -3.71 -30.17 -19.44
N MET A 269 -3.24 -31.40 -19.22
CA MET A 269 -1.83 -31.71 -19.12
C MET A 269 -1.63 -33.16 -19.60
N ASP A 270 -0.52 -33.36 -20.28
CA ASP A 270 -0.13 -34.68 -20.81
C ASP A 270 1.33 -34.45 -21.12
N LEU A 271 2.01 -35.48 -21.59
CA LEU A 271 3.44 -35.42 -21.72
C LEU A 271 3.86 -34.34 -22.75
N SER A 272 3.13 -34.18 -23.83
CA SER A 272 3.59 -33.21 -24.82
C SER A 272 3.34 -31.78 -24.29
N LEU A 273 2.29 -31.56 -23.49
CA LEU A 273 2.05 -30.23 -22.86
C LEU A 273 3.10 -29.92 -21.83
N ILE A 274 3.50 -30.91 -21.06
CA ILE A 274 4.57 -30.71 -20.12
C ILE A 274 5.82 -30.23 -20.89
N ARG A 275 6.20 -30.92 -21.97
CA ARG A 275 7.33 -30.45 -22.80
C ARG A 275 7.18 -28.99 -23.30
N ASP A 276 6.02 -28.69 -23.87
CA ASP A 276 5.72 -27.38 -24.33
C ASP A 276 5.96 -26.30 -23.25
N TYR A 277 5.47 -26.56 -22.04
CA TYR A 277 5.56 -25.54 -20.98
C TYR A 277 6.94 -25.46 -20.45
N TRP A 278 7.55 -26.63 -20.25
CA TRP A 278 8.83 -26.72 -19.68
C TRP A 278 9.91 -26.09 -20.54
N THR A 279 9.80 -26.23 -21.87
CA THR A 279 10.87 -25.80 -22.80
C THR A 279 10.49 -24.51 -23.47
N LEU A 280 9.33 -23.95 -23.13
CA LEU A 280 8.84 -22.77 -23.79
C LEU A 280 8.74 -22.92 -25.31
N GLY A 281 8.14 -24.04 -25.69
CA GLY A 281 7.73 -24.31 -27.05
C GLY A 281 8.95 -24.61 -27.90
N GLY A 282 9.98 -25.19 -27.28
CA GLY A 282 11.23 -25.52 -27.95
C GLY A 282 12.30 -24.45 -27.89
N LEU A 283 12.04 -23.35 -27.18
CA LEU A 283 13.03 -22.30 -26.99
C LEU A 283 14.23 -22.78 -26.15
N LEU A 284 13.96 -23.53 -25.12
CA LEU A 284 15.04 -24.02 -24.26
C LEU A 284 15.32 -25.43 -24.70
N THR A 285 16.58 -25.70 -25.05
CA THR A 285 16.99 -27.00 -25.58
C THR A 285 18.26 -27.55 -24.91
N ASP A 286 18.77 -26.90 -23.87
CA ASP A 286 20.08 -27.24 -23.30
C ASP A 286 20.01 -28.54 -22.48
N ALA A 287 21.16 -29.09 -22.09
CA ALA A 287 21.20 -30.36 -21.36
C ALA A 287 20.50 -30.28 -20.00
N GLY A 288 20.66 -29.16 -19.32
CA GLY A 288 20.03 -28.95 -18.02
C GLY A 288 18.51 -29.03 -18.10
N THR A 289 17.95 -28.25 -19.01
CA THR A 289 16.52 -28.23 -19.28
C THR A 289 15.99 -29.60 -19.58
N MET A 290 16.68 -30.32 -20.47
CA MET A 290 16.22 -31.67 -20.85
C MET A 290 16.34 -32.66 -19.70
N LYS A 291 17.34 -32.50 -18.85
CA LYS A 291 17.46 -33.40 -17.69
C LYS A 291 16.28 -33.16 -16.70
N GLY A 292 15.97 -31.89 -16.46
CA GLY A 292 14.77 -31.58 -15.70
C GLY A 292 13.50 -32.05 -16.40
N LEU A 293 13.42 -31.93 -17.72
CA LEU A 293 12.22 -32.41 -18.39
C LEU A 293 11.98 -33.89 -18.12
N GLU A 294 13.06 -34.67 -18.16
CA GLU A 294 12.96 -36.09 -17.89
C GLU A 294 12.41 -36.33 -16.51
N MET A 295 12.93 -35.63 -15.51
CA MET A 295 12.41 -35.69 -14.12
C MET A 295 10.91 -35.46 -14.00
N VAL A 296 10.46 -34.41 -14.65
CA VAL A 296 9.07 -34.02 -14.54
C VAL A 296 8.16 -35.01 -15.25
N GLU A 297 8.58 -35.50 -16.42
CA GLU A 297 7.85 -36.57 -17.13
C GLU A 297 7.63 -37.82 -16.26
N THR A 298 8.67 -38.18 -15.54
CA THR A 298 8.69 -39.32 -14.65
C THR A 298 7.86 -39.11 -13.43
N LEU A 299 7.81 -37.87 -12.92
CA LEU A 299 6.92 -37.56 -11.81
C LEU A 299 5.50 -37.74 -12.28
N ALA A 300 5.19 -37.26 -13.48
CA ALA A 300 3.84 -37.31 -13.97
C ALA A 300 3.38 -38.75 -14.18
N LYS A 301 4.34 -39.61 -14.61
CA LYS A 301 4.06 -41.03 -14.79
C LYS A 301 3.82 -41.66 -13.44
N THR A 302 4.72 -41.46 -12.49
CA THR A 302 4.56 -42.09 -11.19
C THR A 302 3.20 -41.73 -10.55
N LEU A 303 2.68 -40.52 -10.78
CA LEU A 303 1.38 -40.08 -10.21
C LEU A 303 0.08 -40.49 -10.93
N ARG A 317 -11.70 -30.92 -8.93
CA ARG A 317 -10.26 -31.03 -9.02
C ARG A 317 -9.62 -29.62 -9.32
N LEU A 318 -8.41 -29.39 -8.86
CA LEU A 318 -7.73 -28.07 -9.02
C LEU A 318 -6.96 -28.03 -10.36
N PRO A 319 -6.63 -26.85 -10.85
CA PRO A 319 -5.91 -26.82 -12.10
C PRO A 319 -4.43 -27.15 -11.84
N PHE A 320 -3.70 -27.65 -12.85
CA PHE A 320 -2.25 -27.61 -12.85
C PHE A 320 -1.80 -26.13 -12.81
N GLY A 321 -0.66 -25.91 -12.17
CA GLY A 321 0.01 -24.62 -12.22
C GLY A 321 1.37 -24.66 -12.97
N ILE A 322 1.61 -23.64 -13.77
CA ILE A 322 2.90 -23.45 -14.39
C ILE A 322 3.45 -22.04 -14.06
N ASN A 323 4.53 -21.97 -13.30
CA ASN A 323 5.01 -20.73 -12.72
C ASN A 323 6.36 -20.36 -13.35
N TYR A 324 6.38 -19.30 -14.17
CA TYR A 324 7.61 -18.76 -14.79
C TYR A 324 8.16 -17.65 -13.92
N ALA A 325 9.42 -17.78 -13.52
CA ALA A 325 10.05 -16.83 -12.62
C ALA A 325 11.15 -16.04 -13.33
N MET A 326 11.15 -14.73 -13.19
CA MET A 326 12.24 -13.92 -13.73
C MET A 326 12.80 -12.92 -12.76
N LYS A 327 14.06 -12.56 -12.99
CA LYS A 327 14.84 -11.77 -12.05
C LYS A 327 15.49 -10.61 -12.78
N PRO A 328 15.47 -9.41 -12.20
CA PRO A 328 16.15 -8.36 -12.86
C PRO A 328 17.60 -8.81 -13.12
N GLY A 329 18.14 -8.45 -14.26
CA GLY A 329 19.54 -8.74 -14.56
C GLY A 329 19.71 -10.02 -15.35
N THR A 330 18.65 -10.80 -15.53
CA THR A 330 18.71 -12.06 -16.29
C THR A 330 17.82 -11.90 -17.55
N ALA A 331 18.39 -12.01 -18.74
CA ALA A 331 17.60 -11.82 -19.98
C ALA A 331 16.99 -13.09 -20.45
N GLU A 332 17.50 -14.21 -19.99
CA GLU A 332 17.03 -15.49 -20.55
C GLU A 332 16.06 -16.20 -19.60
N LEU A 333 15.01 -16.80 -20.11
CA LEU A 333 14.06 -17.57 -19.31
C LEU A 333 14.60 -18.94 -18.91
N ALA A 334 14.18 -19.41 -17.73
CA ALA A 334 14.48 -20.72 -17.22
C ALA A 334 13.17 -21.51 -17.31
N PRO A 335 13.24 -22.85 -17.17
CA PRO A 335 12.06 -23.70 -17.07
C PRO A 335 11.17 -23.26 -15.92
N PRO A 336 9.85 -23.37 -16.04
CA PRO A 336 8.96 -23.01 -14.96
C PRO A 336 9.02 -24.03 -13.82
N GLN A 337 8.42 -23.69 -12.70
CA GLN A 337 8.01 -24.68 -11.71
C GLN A 337 6.64 -25.20 -12.13
N ILE A 338 6.46 -26.53 -12.10
CA ILE A 338 5.19 -27.13 -12.48
C ILE A 338 4.53 -27.71 -11.23
N TYR A 339 3.28 -27.32 -11.01
CA TYR A 339 2.51 -27.69 -9.82
C TYR A 339 1.45 -28.74 -10.18
N PHE A 340 1.57 -29.92 -9.58
CA PHE A 340 0.58 -31.00 -9.78
C PHE A 340 -0.46 -30.90 -8.63
N PRO A 341 -1.76 -30.83 -8.94
CA PRO A 341 -2.83 -30.78 -8.01
C PRO A 341 -3.14 -32.14 -7.51
N LEU A 342 -3.17 -32.28 -6.21
CA LEU A 342 -3.30 -33.59 -5.60
C LEU A 342 -4.58 -33.70 -4.82
N LEU A 343 -5.43 -32.65 -4.80
CA LEU A 343 -6.71 -32.74 -4.08
C LEU A 343 -7.53 -33.89 -4.68
N GLY A 344 -8.16 -34.74 -3.84
CA GLY A 344 -9.05 -35.78 -4.31
C GLY A 344 -8.34 -37.11 -4.51
N ILE A 345 -7.02 -37.10 -4.42
CA ILE A 345 -6.22 -38.22 -4.59
C ILE A 345 -5.75 -38.76 -3.28
N ASN A 346 -5.95 -40.08 -3.07
CA ASN A 346 -5.63 -40.67 -1.79
C ASN A 346 -4.21 -40.33 -1.36
N ASP A 347 -4.06 -39.95 -0.10
CA ASP A 347 -2.74 -39.50 0.39
C ASP A 347 -1.79 -40.60 0.64
N GLY A 348 -2.30 -41.82 0.89
CA GLY A 348 -1.34 -42.97 1.01
C GLY A 348 -0.69 -43.30 -0.36
N PHE A 349 -1.52 -43.24 -1.39
CA PHE A 349 -1.04 -43.37 -2.77
C PHE A 349 0.01 -42.29 -3.07
N ILE A 350 -0.31 -41.03 -2.69
CA ILE A 350 0.68 -39.98 -2.93
C ILE A 350 1.95 -40.26 -2.22
N ALA A 351 1.87 -40.67 -0.96
CA ALA A 351 3.10 -40.97 -0.29
C ALA A 351 3.91 -42.14 -0.97
N ASP A 352 3.23 -43.21 -1.37
CA ASP A 352 3.92 -44.31 -2.15
C ASP A 352 4.62 -43.73 -3.42
N ALA A 353 3.87 -42.93 -4.17
CA ALA A 353 4.45 -42.30 -5.37
C ALA A 353 5.68 -41.48 -5.08
N LEU A 354 5.64 -40.73 -3.98
CA LEU A 354 6.76 -39.85 -3.61
C LEU A 354 8.00 -40.62 -3.26
N VAL A 355 7.81 -41.69 -2.51
CA VAL A 355 8.92 -42.56 -2.16
C VAL A 355 9.52 -43.10 -3.47
N GLU A 356 8.67 -43.59 -4.36
CA GLU A 356 9.19 -44.10 -5.65
C GLU A 356 9.96 -43.02 -6.41
N PHE A 357 9.41 -41.81 -6.45
CA PHE A 357 10.09 -40.71 -7.14
C PHE A 357 11.39 -40.33 -6.48
N PHE A 358 11.39 -40.24 -5.16
CA PHE A 358 12.63 -39.93 -4.44
C PHE A 358 13.72 -40.99 -4.74
N GLN A 359 13.30 -42.24 -4.92
CA GLN A 359 14.25 -43.30 -5.30
C GLN A 359 14.82 -43.01 -6.70
N TYR A 360 13.94 -42.77 -7.64
CA TYR A 360 14.36 -42.37 -8.97
C TYR A 360 15.43 -41.26 -8.95
N MET A 361 15.30 -40.30 -8.03
CA MET A 361 16.17 -39.13 -7.93
C MET A 361 17.45 -39.46 -7.24
N GLY A 362 17.48 -40.65 -6.63
CA GLY A 362 18.55 -41.02 -5.76
C GLY A 362 18.57 -40.28 -4.45
N TRP A 363 17.47 -39.68 -4.01
CA TRP A 363 17.49 -39.05 -2.66
C TRP A 363 17.04 -40.11 -1.69
N GLU A 364 17.93 -41.04 -1.34
CA GLU A 364 17.52 -42.25 -0.66
C GLU A 364 17.03 -42.00 0.78
N ASP A 365 17.72 -41.12 1.49
CA ASP A 365 17.25 -40.68 2.79
C ASP A 365 15.80 -40.19 2.84
N GLN A 366 15.41 -39.37 1.84
CA GLN A 366 14.05 -38.87 1.74
C GLN A 366 13.11 -40.02 1.51
N ALA A 367 13.55 -40.94 0.62
CA ALA A 367 12.72 -42.11 0.34
C ALA A 367 12.49 -42.90 1.60
N ASN A 368 13.52 -43.06 2.42
CA ASN A 368 13.40 -43.91 3.61
C ASN A 368 12.57 -43.30 4.72
N ARG A 369 12.56 -41.96 4.80
CA ARG A 369 11.82 -41.25 5.86
C ARG A 369 10.42 -40.76 5.53
N TYR A 370 10.07 -40.66 4.26
CA TYR A 370 8.91 -39.86 3.93
C TYR A 370 7.62 -40.28 4.65
N LYS A 371 7.34 -41.58 4.63
CA LYS A 371 6.14 -42.07 5.24
C LYS A 371 6.11 -41.97 6.73
N ASP A 372 7.22 -42.25 7.40
CA ASP A 372 7.24 -42.13 8.83
C ASP A 372 7.08 -40.66 9.26
N GLU A 373 7.77 -39.78 8.53
CA GLU A 373 7.73 -38.35 8.83
C GLU A 373 6.39 -37.76 8.58
N LEU A 374 5.70 -38.23 7.52
CA LEU A 374 4.38 -37.80 7.24
C LEU A 374 3.40 -38.14 8.36
N LYS A 375 3.50 -39.36 8.86
CA LYS A 375 2.65 -39.81 9.93
C LYS A 375 2.87 -38.96 11.14
N ALA A 376 4.14 -38.72 11.45
CA ALA A 376 4.53 -37.90 12.58
C ALA A 376 4.09 -36.40 12.45
N LYS A 377 4.03 -35.86 11.23
CA LYS A 377 3.59 -34.49 11.00
C LYS A 377 2.10 -34.40 11.41
N PHE A 378 1.32 -35.45 11.14
CA PHE A 378 -0.14 -35.45 11.27
C PHE A 378 -0.70 -36.49 12.27
N PRO A 379 -0.26 -36.43 13.52
CA PRO A 379 -0.53 -37.51 14.46
C PRO A 379 -1.98 -37.74 14.80
N ASN A 380 -2.88 -36.81 14.50
CA ASN A 380 -4.27 -36.97 14.92
C ASN A 380 -5.21 -37.32 13.78
N VAL A 381 -4.67 -37.66 12.61
CA VAL A 381 -5.51 -38.13 11.54
C VAL A 381 -4.79 -39.30 10.84
N ASP A 382 -5.54 -40.28 10.40
CA ASP A 382 -4.88 -41.37 9.68
C ASP A 382 -4.82 -40.92 8.21
N ILE A 383 -3.63 -40.51 7.81
CA ILE A 383 -3.35 -39.89 6.51
C ILE A 383 -3.62 -40.91 5.36
N SER A 384 -3.36 -42.20 5.60
CA SER A 384 -3.72 -43.28 4.65
C SER A 384 -5.15 -43.28 4.22
N GLN A 385 -6.05 -42.72 5.02
CA GLN A 385 -7.46 -42.63 4.67
C GLN A 385 -7.91 -41.31 4.09
N THR A 386 -7.05 -40.29 4.12
CA THR A 386 -7.51 -38.99 3.57
C THR A 386 -7.21 -38.83 2.09
N LYS A 387 -7.91 -37.92 1.47
CA LYS A 387 -7.55 -37.51 0.11
C LYS A 387 -7.37 -35.97 -0.06
N ASN A 388 -7.32 -35.25 1.04
CA ASN A 388 -7.15 -33.78 0.97
C ASN A 388 -5.93 -33.17 1.67
N VAL A 389 -5.06 -33.99 2.26
CA VAL A 389 -3.93 -33.47 3.04
C VAL A 389 -2.77 -33.04 2.16
N HIS A 390 -2.33 -33.87 1.18
CA HIS A 390 -1.49 -33.33 0.15
C HIS A 390 -2.29 -32.50 -0.79
N ARG A 391 -1.93 -31.22 -1.01
CA ARG A 391 -2.69 -30.42 -1.94
C ARG A 391 -1.99 -30.15 -3.29
N TRP A 392 -0.68 -29.97 -3.26
CA TRP A 392 0.07 -29.64 -4.42
C TRP A 392 1.43 -30.26 -4.30
N LEU A 393 1.99 -30.56 -5.47
CA LEU A 393 3.38 -30.94 -5.54
C LEU A 393 4.02 -30.10 -6.63
N GLY A 394 4.97 -29.26 -6.23
CA GLY A 394 5.70 -28.46 -7.20
C GLY A 394 7.05 -29.06 -7.51
N VAL A 395 7.42 -29.05 -8.79
CA VAL A 395 8.75 -29.52 -9.16
C VAL A 395 9.47 -28.51 -10.03
N ALA A 396 10.77 -28.31 -9.75
CA ALA A 396 11.58 -27.29 -10.42
C ALA A 396 12.93 -27.85 -10.57
N TYR A 397 13.65 -27.30 -11.55
CA TYR A 397 15.01 -27.66 -11.78
C TYR A 397 15.79 -26.39 -11.95
N SER A 398 16.87 -26.24 -11.20
CA SER A 398 17.66 -25.03 -11.25
C SER A 398 18.98 -25.30 -11.96
N GLU A 399 19.50 -24.30 -12.65
CA GLU A 399 20.76 -24.43 -13.34
C GLU A 399 21.84 -24.63 -12.30
N THR A 400 21.88 -23.72 -11.34
CA THR A 400 22.83 -23.75 -10.25
C THR A 400 22.49 -24.60 -9.01
N LYS A 401 21.32 -24.38 -8.43
CA LYS A 401 20.84 -25.07 -7.22
C LYS A 401 20.31 -26.52 -7.34
N GLY A 402 20.13 -27.09 -8.53
CA GLY A 402 19.68 -28.51 -8.65
C GLY A 402 18.15 -28.65 -8.80
N PRO A 403 17.61 -29.88 -8.64
CA PRO A 403 16.15 -30.14 -8.64
C PRO A 403 15.55 -29.92 -7.24
N SER A 404 14.27 -29.56 -7.20
CA SER A 404 13.64 -29.15 -5.95
C SER A 404 12.28 -29.62 -6.04
N MET A 405 11.75 -29.95 -4.87
CA MET A 405 10.38 -30.38 -4.82
C MET A 405 9.68 -29.65 -3.69
N ASN A 406 8.49 -29.17 -3.95
CA ASN A 406 7.72 -28.42 -2.99
C ASN A 406 6.41 -29.17 -2.71
N ILE A 407 6.20 -29.58 -1.48
CA ILE A 407 4.99 -30.31 -1.15
C ILE A 407 4.14 -29.40 -0.25
N TYR A 408 2.88 -29.18 -0.63
CA TYR A 408 1.96 -28.29 0.04
C TYR A 408 0.92 -29.10 0.73
N TYR A 409 0.77 -28.89 2.05
CA TYR A 409 -0.20 -29.60 2.86
C TYR A 409 -1.33 -28.69 3.38
N ASP A 410 -2.54 -29.20 3.34
CA ASP A 410 -3.69 -28.61 4.08
C ASP A 410 -3.53 -29.07 5.52
N VAL A 411 -2.88 -28.23 6.29
CA VAL A 411 -2.61 -28.57 7.65
C VAL A 411 -3.84 -28.81 8.48
N VAL A 412 -4.86 -28.00 8.32
CA VAL A 412 -6.10 -28.20 9.10
C VAL A 412 -6.77 -29.55 8.70
N ALA A 413 -6.82 -29.88 7.40
CA ALA A 413 -7.21 -31.28 6.97
C ALA A 413 -6.43 -32.38 7.63
N GLY A 414 -5.14 -32.20 7.88
CA GLY A 414 -4.37 -33.17 8.59
C GLY A 414 -4.51 -33.19 10.10
N ASN A 415 -5.36 -32.36 10.66
CA ASN A 415 -5.45 -32.27 12.11
C ASN A 415 -6.81 -32.45 12.74
N VAL A 416 -7.86 -32.18 11.99
CA VAL A 416 -9.20 -32.14 12.61
C VAL A 416 -9.76 -33.55 12.77
N ARG B 6 -20.73 22.77 22.90
CA ARG B 6 -21.32 21.51 23.40
C ARG B 6 -21.01 20.20 22.63
N PRO B 7 -21.13 20.07 21.31
CA PRO B 7 -20.82 18.69 20.77
C PRO B 7 -19.44 18.16 21.16
N TRP B 8 -18.44 19.00 21.20
CA TRP B 8 -17.09 18.53 21.59
C TRP B 8 -17.07 18.06 23.05
N GLN B 9 -17.88 18.73 23.89
CA GLN B 9 -17.93 18.38 25.32
C GLN B 9 -18.75 17.17 25.52
N ILE B 10 -19.87 17.04 24.83
CA ILE B 10 -20.69 15.89 24.90
C ILE B 10 -19.93 14.62 24.48
N LEU B 11 -19.15 14.74 23.42
CA LEU B 11 -18.38 13.56 22.95
C LEU B 11 -17.30 13.21 23.95
N SER B 12 -16.63 14.21 24.52
CA SER B 12 -15.68 13.95 25.55
C SER B 12 -16.31 13.16 26.76
N GLN B 13 -17.50 13.58 27.19
CA GLN B 13 -18.24 12.93 28.30
C GLN B 13 -18.66 11.53 27.95
N ALA B 14 -19.07 11.30 26.73
CA ALA B 14 -19.58 10.02 26.33
C ALA B 14 -18.46 8.95 26.12
N LEU B 15 -17.36 9.44 25.55
CA LEU B 15 -16.30 8.59 25.00
C LEU B 15 -15.08 8.45 25.87
N GLY B 16 -14.70 9.50 26.58
CA GLY B 16 -13.48 9.56 27.26
C GLY B 16 -12.32 9.29 26.32
N PHE B 17 -11.20 8.76 26.84
CA PHE B 17 -9.95 8.69 26.14
C PHE B 17 -9.16 7.42 26.51
N PRO B 18 -8.56 6.72 25.53
CA PRO B 18 -7.77 5.49 25.77
C PRO B 18 -6.41 5.78 26.51
N ASN B 19 -5.87 7.02 26.43
CA ASN B 19 -4.67 7.38 27.06
C ASN B 19 -4.59 8.87 27.15
N TYR B 20 -3.61 9.33 27.87
CA TYR B 20 -3.53 10.71 28.20
C TYR B 20 -3.14 11.60 27.00
N ASP B 21 -2.34 11.08 26.09
CA ASP B 21 -1.97 11.86 24.91
C ASP B 21 -3.18 12.20 24.06
N GLN B 22 -4.11 11.24 23.91
CA GLN B 22 -5.34 11.47 23.19
C GLN B 22 -6.22 12.55 23.89
N GLU B 23 -6.26 12.50 25.23
CA GLU B 23 -7.01 13.48 26.01
C GLU B 23 -6.41 14.89 25.81
N LEU B 24 -5.09 15.03 25.85
CA LEU B 24 -4.40 16.28 25.60
C LEU B 24 -4.67 16.83 24.18
N TRP B 25 -4.69 15.94 23.18
CA TRP B 25 -5.02 16.34 21.83
C TRP B 25 -6.46 16.91 21.77
N TRP B 26 -7.41 16.23 22.40
CA TRP B 26 -8.78 16.72 22.43
C TRP B 26 -8.84 18.05 23.11
N GLN B 27 -8.18 18.15 24.24
CA GLN B 27 -8.24 19.39 25.05
C GLN B 27 -7.60 20.58 24.39
N ASN B 28 -6.68 20.32 23.43
CA ASN B 28 -6.02 21.34 22.68
C ASN B 28 -6.45 21.51 21.24
N THR B 29 -7.47 20.78 20.78
CA THR B 29 -7.96 20.96 19.43
C THR B 29 -9.41 20.88 19.19
N ALA B 30 -10.18 20.16 20.01
CA ALA B 30 -11.52 19.84 19.63
C ALA B 30 -12.52 21.05 19.78
N GLU B 31 -12.30 21.90 20.78
CA GLU B 31 -13.13 23.11 20.96
C GLU B 31 -12.97 24.05 19.73
N THR B 32 -11.75 24.33 19.36
CA THR B 32 -11.44 25.09 18.09
C THR B 32 -12.08 24.44 16.92
N LEU B 33 -11.90 23.11 16.77
CA LEU B 33 -12.49 22.46 15.65
C LEU B 33 -13.98 22.62 15.71
N ASN B 34 -14.61 22.49 16.89
CA ASN B 34 -16.10 22.59 16.88
C ASN B 34 -16.51 24.05 16.43
N ARG B 35 -15.75 25.00 16.90
CA ARG B 35 -15.91 26.44 16.58
C ARG B 35 -15.77 26.67 15.08
N VAL B 36 -14.76 26.06 14.43
CA VAL B 36 -14.60 26.16 12.99
C VAL B 36 -15.78 25.60 12.28
N LEU B 37 -16.21 24.40 12.68
CA LEU B 37 -17.35 23.82 12.05
C LEU B 37 -18.64 24.69 12.21
N GLU B 38 -18.91 25.14 13.41
CA GLU B 38 -20.08 26.03 13.63
C GLU B 38 -20.05 27.27 12.65
N GLN B 39 -18.91 27.92 12.57
CA GLN B 39 -18.67 29.10 11.77
C GLN B 39 -18.78 28.89 10.29
N CYS B 40 -18.69 27.64 9.84
CA CYS B 40 -18.87 27.29 8.44
C CYS B 40 -20.30 26.84 8.19
N ASP B 41 -21.15 27.01 9.20
CA ASP B 41 -22.54 26.73 9.07
C ASP B 41 -22.86 25.23 8.94
N TYR B 42 -22.02 24.39 9.53
CA TYR B 42 -22.31 22.94 9.54
C TYR B 42 -23.42 22.74 10.56
N SER B 43 -24.40 21.90 10.26
CA SER B 43 -25.51 21.62 11.15
C SER B 43 -24.96 20.86 12.37
N VAL B 44 -25.78 20.82 13.41
CA VAL B 44 -25.39 20.14 14.61
C VAL B 44 -25.06 18.65 14.32
N HIS B 45 -25.84 18.01 13.47
CA HIS B 45 -25.66 16.63 13.14
C HIS B 45 -24.31 16.40 12.41
N LEU B 46 -23.89 17.33 11.55
CA LEU B 46 -22.52 17.24 10.99
C LEU B 46 -21.43 17.57 11.96
N GLN B 47 -21.67 18.49 12.88
CA GLN B 47 -20.72 18.73 13.95
C GLN B 47 -20.44 17.41 14.76
N TYR B 48 -21.49 16.69 15.13
CA TYR B 48 -21.34 15.41 15.85
C TYR B 48 -20.62 14.40 14.90
N LYS B 49 -20.99 14.41 13.63
CA LYS B 49 -20.37 13.54 12.67
C LYS B 49 -18.89 13.70 12.62
N TYR B 50 -18.43 14.92 12.40
CA TYR B 50 -17.01 15.15 12.22
C TYR B 50 -16.20 15.04 13.49
N LEU B 51 -16.79 15.45 14.56
CA LEU B 51 -16.11 15.38 15.80
C LEU B 51 -15.98 13.90 16.29
N ALA B 52 -17.00 13.10 16.10
CA ALA B 52 -16.95 11.69 16.45
C ALA B 52 -15.86 10.99 15.61
N PHE B 53 -15.86 11.32 14.33
CA PHE B 53 -14.83 10.87 13.38
C PHE B 53 -13.45 11.23 13.85
N TYR B 54 -13.22 12.49 14.22
CA TYR B 54 -12.01 12.99 14.72
C TYR B 54 -11.55 12.21 15.99
N HIS B 55 -12.45 12.01 16.94
CA HIS B 55 -12.16 11.25 18.10
C HIS B 55 -11.67 9.79 17.84
N LYS B 56 -12.34 9.12 16.94
CA LYS B 56 -12.07 7.74 16.69
C LYS B 56 -10.83 7.55 15.81
N TYR B 57 -10.72 8.29 14.71
CA TYR B 57 -9.71 8.02 13.66
C TYR B 57 -8.51 8.88 13.78
N ILE B 58 -8.69 10.12 14.20
CA ILE B 58 -7.56 11.04 14.13
C ILE B 58 -6.80 11.09 15.44
N LEU B 59 -7.50 11.12 16.56
CA LEU B 59 -6.76 11.18 17.80
C LEU B 59 -5.66 10.07 17.93
N PRO B 60 -6.00 8.82 17.69
CA PRO B 60 -4.92 7.82 17.82
C PRO B 60 -3.80 7.98 16.79
N SER B 61 -4.08 8.62 15.64
CA SER B 61 -3.11 8.84 14.57
C SER B 61 -2.15 9.96 14.88
N LEU B 62 -2.47 10.78 15.87
CA LEU B 62 -1.64 11.94 16.17
C LEU B 62 -0.42 11.65 17.05
N GLY B 63 -0.26 10.42 17.57
CA GLY B 63 0.91 10.11 18.34
C GLY B 63 0.92 10.86 19.68
N PRO B 64 2.05 10.90 20.34
CA PRO B 64 2.22 11.49 21.64
C PRO B 64 2.04 13.02 21.48
N PHE B 65 1.56 13.67 22.51
CA PHE B 65 1.38 15.13 22.47
C PHE B 65 2.61 15.78 23.01
N ARG B 66 3.41 16.37 22.11
CA ARG B 66 4.69 16.98 22.50
C ARG B 66 4.43 18.18 23.42
N ARG B 67 5.14 18.16 24.53
CA ARG B 67 4.89 19.04 25.64
C ARG B 67 6.11 19.04 26.55
N PRO B 68 6.22 20.04 27.44
CA PRO B 68 7.34 20.07 28.34
C PRO B 68 7.44 18.74 29.11
N GLY B 69 8.62 18.14 29.08
CA GLY B 69 8.84 16.88 29.70
C GLY B 69 8.60 15.68 28.85
N VAL B 70 7.94 15.84 27.69
CA VAL B 70 7.70 14.69 26.80
C VAL B 70 8.08 15.05 25.38
N GLU B 71 9.17 14.47 24.93
CA GLU B 71 9.75 14.67 23.62
C GLU B 71 9.65 13.40 22.76
N PRO B 72 8.73 13.40 21.80
CA PRO B 72 8.47 12.22 21.00
C PRO B 72 9.67 11.84 20.19
N GLU B 73 9.76 10.58 19.75
CA GLU B 73 10.84 10.18 18.88
C GLU B 73 10.65 10.78 17.49
N TYR B 74 9.41 11.15 17.14
CA TYR B 74 9.13 11.74 15.82
C TYR B 74 8.57 13.15 15.96
N ILE B 75 9.20 14.10 15.25
CA ILE B 75 8.79 15.57 15.28
C ILE B 75 8.28 15.95 13.89
N SER B 76 7.07 16.53 13.80
CA SER B 76 6.48 16.83 12.50
C SER B 76 6.79 18.29 12.12
N GLY B 77 7.10 18.52 10.85
CA GLY B 77 7.20 19.89 10.36
C GLY B 77 5.92 20.57 10.05
N LEU B 78 4.76 19.94 10.32
CA LEU B 78 3.50 20.56 10.05
C LEU B 78 3.14 21.80 10.93
N SER B 79 3.79 21.94 12.07
CA SER B 79 3.40 22.99 13.01
C SER B 79 4.61 23.50 13.72
N HIS B 80 4.48 24.66 14.38
CA HIS B 80 5.66 25.27 14.95
C HIS B 80 6.19 24.44 16.16
N GLY B 81 5.29 23.89 16.96
CA GLY B 81 5.76 23.08 18.11
C GLY B 81 6.09 21.63 17.78
N GLY B 82 6.01 21.24 16.51
CA GLY B 82 6.32 19.85 16.11
C GLY B 82 5.17 18.84 16.20
N HIS B 83 3.95 19.34 16.41
CA HIS B 83 2.70 18.60 16.42
C HIS B 83 2.19 18.28 15.00
N PRO B 84 1.80 17.03 14.70
CA PRO B 84 1.51 16.68 13.30
C PRO B 84 0.12 17.03 12.88
N LEU B 85 -0.31 18.29 13.08
CA LEU B 85 -1.69 18.67 12.84
C LEU B 85 -1.77 20.17 12.39
N GLU B 86 -2.65 20.43 11.44
CA GLU B 86 -3.13 21.75 11.11
C GLU B 86 -4.60 21.71 10.69
N ILE B 87 -5.32 22.81 10.88
CA ILE B 87 -6.68 22.90 10.51
C ILE B 87 -6.74 24.11 9.53
N SER B 88 -7.50 23.96 8.48
CA SER B 88 -7.62 25.04 7.50
C SER B 88 -9.03 25.22 7.10
N VAL B 89 -9.28 26.44 6.55
CA VAL B 89 -10.56 26.75 6.03
C VAL B 89 -10.32 27.18 4.57
N LYS B 90 -11.25 26.81 3.72
CA LYS B 90 -11.27 27.18 2.30
C LYS B 90 -12.51 28.05 2.13
N ILE B 91 -12.26 29.32 1.83
CA ILE B 91 -13.29 30.32 1.73
C ILE B 91 -13.44 30.69 0.26
N ASP B 92 -14.65 30.63 -0.26
CA ASP B 92 -14.92 31.15 -1.59
C ASP B 92 -16.16 32.02 -1.53
N LYS B 93 -16.59 32.53 -2.67
CA LYS B 93 -17.76 33.40 -2.76
C LYS B 93 -18.87 32.91 -1.82
N SER B 94 -19.39 31.72 -2.13
CA SER B 94 -20.60 31.16 -1.49
C SER B 94 -20.43 30.42 -0.14
N LYS B 95 -19.32 29.72 0.09
CA LYS B 95 -19.23 28.88 1.28
C LYS B 95 -17.84 28.80 1.83
N THR B 96 -17.76 28.23 3.03
CA THR B 96 -16.51 27.94 3.71
C THR B 96 -16.57 26.48 4.21
N ILE B 97 -15.54 25.73 3.87
CA ILE B 97 -15.40 24.34 4.26
C ILE B 97 -14.16 24.25 5.15
N CYS B 98 -14.12 23.26 6.04
CA CYS B 98 -13.02 23.03 6.97
C CYS B 98 -12.11 21.86 6.42
N ARG B 99 -10.81 21.85 6.70
CA ARG B 99 -9.94 20.70 6.26
C ARG B 99 -8.99 20.41 7.39
N LEU B 100 -8.66 19.12 7.61
CA LEU B 100 -7.62 18.74 8.56
C LEU B 100 -6.39 18.26 7.83
N GLY B 101 -5.24 18.65 8.29
CA GLY B 101 -4.00 18.21 7.72
C GLY B 101 -3.22 17.55 8.84
N LEU B 102 -2.62 16.41 8.55
CA LEU B 102 -1.85 15.70 9.55
C LEU B 102 -0.87 14.75 8.97
N GLN B 103 -0.07 14.21 9.85
CA GLN B 103 0.81 13.10 9.60
C GLN B 103 0.32 12.04 10.60
N ALA B 104 -0.06 10.86 10.13
CA ALA B 104 -0.44 9.76 11.00
C ALA B 104 0.79 9.07 11.50
N ILE B 105 1.04 9.15 12.80
CA ILE B 105 2.30 8.75 13.41
C ILE B 105 2.21 7.28 13.76
N GLY B 106 3.05 6.45 13.18
CA GLY B 106 3.19 5.08 13.69
C GLY B 106 3.92 4.97 15.01
N PRO B 107 3.69 3.86 15.77
CA PRO B 107 4.22 3.75 17.15
C PRO B 107 5.69 3.50 17.17
N LEU B 108 6.32 3.26 16.02
CA LEU B 108 7.78 3.16 16.00
C LEU B 108 8.41 4.27 15.10
N ALA B 109 7.62 5.29 14.78
CA ALA B 109 8.09 6.41 13.95
C ALA B 109 9.28 7.14 14.56
N GLY B 110 10.28 7.41 13.73
CA GLY B 110 11.50 8.09 14.15
C GLY B 110 12.49 7.21 14.89
N THR B 111 12.32 5.87 14.87
CA THR B 111 13.27 4.89 15.43
C THR B 111 13.84 4.07 14.29
N ALA B 112 14.82 3.22 14.56
CA ALA B 112 15.46 2.42 13.50
C ALA B 112 14.45 1.57 12.67
N ARG B 113 13.36 1.15 13.30
CA ARG B 113 12.34 0.30 12.60
C ARG B 113 11.44 1.10 11.68
N ASP B 114 11.47 2.43 11.77
CA ASP B 114 10.59 3.27 10.92
C ASP B 114 11.08 4.77 10.89
N PRO B 115 12.18 5.02 10.21
CA PRO B 115 12.84 6.28 10.37
C PRO B 115 12.09 7.49 9.76
N LEU B 116 11.34 7.26 8.70
CA LEU B 116 10.61 8.36 8.03
C LEU B 116 9.07 8.31 8.22
N ASN B 117 8.62 7.51 9.21
CA ASN B 117 7.20 7.42 9.46
C ASN B 117 6.45 6.92 8.19
N SER B 118 6.88 5.79 7.68
CA SER B 118 6.41 5.24 6.37
C SER B 118 5.08 4.48 6.32
N PHE B 119 4.48 4.18 7.46
CA PHE B 119 3.36 3.24 7.57
C PHE B 119 2.09 3.89 8.09
N GLY B 120 2.20 4.93 8.90
CA GLY B 120 1.01 5.37 9.66
C GLY B 120 -0.09 5.89 8.77
N ASP B 121 0.27 6.67 7.72
CA ASP B 121 -0.75 7.30 6.88
C ASP B 121 -1.54 6.26 6.13
N ARG B 122 -0.84 5.29 5.58
CA ARG B 122 -1.53 4.17 4.94
C ARG B 122 -2.47 3.41 5.88
N GLU B 123 -2.02 3.17 7.10
CA GLU B 123 -2.88 2.47 8.09
C GLU B 123 -4.17 3.28 8.36
N LEU B 124 -4.04 4.60 8.54
CA LEU B 124 -5.21 5.47 8.63
C LEU B 124 -6.11 5.40 7.39
N LEU B 125 -5.49 5.37 6.21
CA LEU B 125 -6.24 5.35 4.96
C LEU B 125 -6.99 4.07 4.72
N LYS B 126 -6.39 3.01 5.17
CA LYS B 126 -7.00 1.71 5.16
C LYS B 126 -8.29 1.71 5.99
N ASN B 127 -8.19 2.22 7.19
CA ASN B 127 -9.41 2.35 8.06
C ASN B 127 -10.41 3.30 7.43
N LEU B 128 -9.95 4.38 6.82
CA LEU B 128 -10.93 5.18 6.04
C LEU B 128 -11.61 4.49 4.89
N ALA B 129 -10.88 3.55 4.20
CA ALA B 129 -11.43 2.84 3.09
C ALA B 129 -12.53 1.91 3.56
N THR B 130 -12.42 1.32 4.75
CA THR B 130 -13.53 0.53 5.27
C THR B 130 -14.68 1.38 5.83
N LEU B 131 -14.38 2.60 6.29
CA LEU B 131 -15.37 3.53 6.75
C LEU B 131 -16.22 4.12 5.54
N LEU B 132 -15.55 4.47 4.46
CA LEU B 132 -16.09 5.34 3.41
C LEU B 132 -16.01 4.68 2.05
N PRO B 133 -17.13 4.47 1.39
CA PRO B 133 -17.15 3.73 0.12
C PRO B 133 -16.38 4.40 -1.02
N HIS B 134 -16.23 5.71 -0.98
CA HIS B 134 -15.59 6.40 -2.11
C HIS B 134 -14.08 6.48 -1.99
N VAL B 135 -13.50 6.03 -0.89
CA VAL B 135 -12.10 6.17 -0.64
C VAL B 135 -11.44 5.01 -1.44
N ASP B 136 -10.41 5.35 -2.16
CA ASP B 136 -9.77 4.43 -3.14
C ASP B 136 -8.30 4.64 -2.84
N LEU B 137 -7.62 3.60 -2.49
CA LEU B 137 -6.19 3.68 -2.18
C LEU B 137 -5.22 3.42 -3.34
N ARG B 138 -5.71 3.28 -4.54
CA ARG B 138 -4.82 2.85 -5.63
C ARG B 138 -3.83 3.91 -6.01
N LEU B 139 -4.19 5.22 -5.93
CA LEU B 139 -3.18 6.22 -6.26
C LEU B 139 -2.12 6.36 -5.14
N PHE B 140 -2.54 6.19 -3.90
CA PHE B 140 -1.62 6.14 -2.79
C PHE B 140 -0.58 5.06 -3.03
N ASP B 141 -1.04 3.86 -3.29
CA ASP B 141 -0.17 2.74 -3.40
C ASP B 141 0.75 2.94 -4.57
N HIS B 142 0.23 3.48 -5.65
CA HIS B 142 1.10 3.77 -6.78
C HIS B 142 2.29 4.67 -6.46
N PHE B 143 2.01 5.83 -5.85
CA PHE B 143 3.12 6.74 -5.50
C PHE B 143 3.98 6.25 -4.34
N ASN B 144 3.40 5.52 -3.39
CA ASN B 144 4.18 4.96 -2.33
C ASN B 144 5.22 3.97 -2.99
N ALA B 145 4.80 3.25 -3.99
CA ALA B 145 5.68 2.30 -4.63
C ALA B 145 6.82 3.02 -5.34
N GLN B 146 6.53 4.14 -5.99
CA GLN B 146 7.47 4.79 -6.91
C GLN B 146 8.33 5.80 -6.18
N VAL B 147 7.83 6.42 -5.09
CA VAL B 147 8.70 7.31 -4.30
C VAL B 147 9.04 6.93 -2.90
N GLY B 148 8.50 5.81 -2.39
CA GLY B 148 8.90 5.36 -1.10
C GLY B 148 10.31 4.74 -1.04
N LEU B 149 10.80 4.57 0.15
CA LEU B 149 12.14 4.09 0.38
C LEU B 149 12.13 2.86 1.27
N ASP B 150 13.08 1.96 1.08
CA ASP B 150 13.25 0.88 2.06
C ASP B 150 13.94 1.31 3.33
N ARG B 151 14.04 0.41 4.32
CA ARG B 151 14.49 0.88 5.64
C ARG B 151 15.89 1.47 5.60
N ALA B 152 16.83 0.78 4.92
CA ALA B 152 18.24 1.30 4.86
C ALA B 152 18.25 2.68 4.17
N GLN B 153 17.46 2.85 3.14
CA GLN B 153 17.40 4.14 2.45
C GLN B 153 16.80 5.20 3.33
N CYS B 154 15.79 4.83 4.15
CA CYS B 154 15.21 5.77 5.09
C CYS B 154 16.27 6.26 6.08
N ALA B 155 17.04 5.31 6.61
CA ALA B 155 18.08 5.61 7.58
C ALA B 155 19.13 6.57 6.96
N VAL B 156 19.58 6.27 5.74
CA VAL B 156 20.41 7.25 4.97
C VAL B 156 19.73 8.63 4.84
N ALA B 157 18.46 8.67 4.45
CA ALA B 157 17.77 9.92 4.32
C ALA B 157 17.73 10.75 5.61
N THR B 158 17.57 10.13 6.77
CA THR B 158 17.58 10.89 8.04
C THR B 158 18.92 11.54 8.40
N THR B 159 20.01 11.00 7.85
CA THR B 159 21.34 11.61 8.01
C THR B 159 21.52 12.82 7.08
N LYS B 160 20.59 13.06 6.15
CA LYS B 160 20.74 14.17 5.21
C LYS B 160 19.65 15.21 5.32
N LEU B 161 18.78 15.09 6.31
CA LEU B 161 17.60 15.93 6.39
C LEU B 161 17.40 16.34 7.82
N ILE B 162 16.90 17.54 8.08
CA ILE B 162 16.60 17.95 9.44
C ILE B 162 15.44 17.10 10.00
N LYS B 163 15.42 16.95 11.32
CA LYS B 163 14.41 16.17 12.06
C LYS B 163 12.99 16.45 11.63
N GLU B 164 12.66 17.71 11.38
CA GLU B 164 11.31 18.09 10.97
C GLU B 164 10.96 17.77 9.52
N SER B 165 11.92 17.23 8.72
CA SER B 165 11.69 16.79 7.30
C SER B 165 11.92 15.27 7.10
N HIS B 166 11.74 14.49 8.18
CA HIS B 166 11.88 13.06 8.11
C HIS B 166 10.51 12.48 7.78
N ASN B 167 10.02 12.76 6.59
CA ASN B 167 8.69 12.36 6.17
C ASN B 167 8.64 12.05 4.71
N ILE B 168 7.76 11.14 4.35
CA ILE B 168 7.56 10.76 2.99
C ILE B 168 6.20 11.11 2.52
N VAL B 169 5.21 11.17 3.42
CA VAL B 169 3.85 11.45 3.02
C VAL B 169 3.11 12.27 4.12
N CYS B 170 2.05 12.95 3.74
CA CYS B 170 1.16 13.58 4.70
C CYS B 170 -0.17 13.61 4.06
N THR B 171 -1.18 13.79 4.90
CA THR B 171 -2.56 13.55 4.56
C THR B 171 -3.41 14.80 4.90
N SER B 172 -4.39 15.07 4.06
CA SER B 172 -5.41 16.09 4.30
C SER B 172 -6.75 15.44 4.19
N LEU B 173 -7.71 15.89 5.00
CA LEU B 173 -9.02 15.38 5.01
C LEU B 173 -9.93 16.59 4.78
N ASP B 174 -10.59 16.67 3.63
CA ASP B 174 -11.55 17.76 3.37
C ASP B 174 -12.87 17.37 3.98
N LEU B 175 -13.42 18.28 4.80
CA LEU B 175 -14.69 18.00 5.41
C LEU B 175 -15.76 18.76 4.64
N LYS B 176 -16.32 18.14 3.62
CA LYS B 176 -17.00 18.84 2.53
C LYS B 176 -18.42 18.34 2.40
N ASP B 177 -19.37 19.26 2.63
CA ASP B 177 -20.74 18.91 2.93
C ASP B 177 -20.67 17.82 4.02
N GLY B 178 -21.36 16.70 3.84
CA GLY B 178 -21.40 15.59 4.80
C GLY B 178 -20.32 14.52 4.70
N GLU B 179 -19.32 14.72 3.87
CA GLU B 179 -18.36 13.67 3.60
C GLU B 179 -16.96 13.97 4.14
N VAL B 180 -16.09 12.95 4.05
CA VAL B 180 -14.65 13.14 4.30
C VAL B 180 -13.92 12.73 3.00
N ILE B 181 -13.13 13.65 2.46
CA ILE B 181 -12.39 13.39 1.25
C ILE B 181 -10.88 13.43 1.50
N PRO B 182 -10.21 12.25 1.47
CA PRO B 182 -8.81 12.27 1.77
C PRO B 182 -7.91 12.60 0.59
N LYS B 183 -6.80 13.25 0.87
CA LYS B 183 -5.79 13.53 -0.17
C LYS B 183 -4.49 13.32 0.50
N VAL B 184 -3.48 12.99 -0.27
CA VAL B 184 -2.17 12.86 0.28
C VAL B 184 -1.12 13.56 -0.59
N TYR B 185 0.00 13.86 0.04
CA TYR B 185 1.16 14.46 -0.65
C TYR B 185 2.35 13.66 -0.34
N PHE B 186 3.05 13.24 -1.38
CA PHE B 186 4.28 12.51 -1.24
C PHE B 186 5.43 13.44 -1.47
N SER B 187 6.41 13.36 -0.60
CA SER B 187 7.66 14.10 -0.75
C SER B 187 8.64 13.40 -1.70
N THR B 188 9.26 14.17 -2.62
CA THR B 188 10.23 13.61 -3.55
C THR B 188 11.64 13.70 -3.11
N ILE B 189 11.90 14.54 -2.12
CA ILE B 189 13.27 14.82 -1.69
C ILE B 189 14.04 13.66 -1.06
N PRO B 190 13.37 12.88 -0.23
CA PRO B 190 14.18 11.78 0.31
C PRO B 190 14.68 10.82 -0.76
N LYS B 191 13.84 10.46 -1.72
CA LYS B 191 14.29 9.53 -2.77
C LYS B 191 15.35 10.22 -3.74
N GLY B 192 15.15 11.51 -3.98
CA GLY B 192 16.12 12.34 -4.72
C GLY B 192 17.48 12.34 -4.08
N LEU B 193 17.52 12.57 -2.76
CA LEU B 193 18.79 12.57 -2.00
C LEU B 193 19.43 11.22 -1.96
N VAL B 194 18.63 10.19 -1.71
CA VAL B 194 19.24 8.90 -1.44
C VAL B 194 19.70 8.23 -2.73
N THR B 195 18.94 8.40 -3.79
CA THR B 195 19.27 7.81 -5.05
C THR B 195 20.06 8.75 -5.99
N GLU B 196 20.22 10.01 -5.64
CA GLU B 196 20.92 11.00 -6.49
C GLU B 196 20.27 11.04 -7.86
N THR B 197 18.97 11.31 -7.87
CA THR B 197 18.17 11.36 -9.07
C THR B 197 17.58 12.72 -9.02
N PRO B 198 17.61 13.46 -10.15
CA PRO B 198 16.97 14.74 -10.19
C PRO B 198 15.48 14.60 -9.78
N LEU B 199 14.98 15.60 -9.05
CA LEU B 199 13.65 15.57 -8.51
C LEU B 199 12.68 15.64 -9.65
N PHE B 200 13.06 16.38 -10.70
CA PHE B 200 12.19 16.52 -11.88
C PHE B 200 11.94 15.18 -12.55
N ASP B 201 13.01 14.43 -12.71
CA ASP B 201 12.95 13.15 -13.38
C ASP B 201 12.16 12.15 -12.52
N LEU B 202 12.43 12.09 -11.22
CA LEU B 202 11.74 11.05 -10.41
C LEU B 202 10.24 11.41 -10.29
N THR B 203 9.88 12.70 -10.30
CA THR B 203 8.52 13.12 -10.31
C THR B 203 7.79 12.74 -11.57
N PHE B 204 8.31 13.10 -12.74
CA PHE B 204 7.54 12.76 -13.93
C PHE B 204 7.63 11.30 -14.28
N ALA B 205 8.69 10.63 -13.87
CA ALA B 205 8.78 9.18 -14.16
C ALA B 205 7.64 8.47 -13.39
N ALA B 206 7.44 8.83 -12.13
CA ALA B 206 6.36 8.24 -11.32
C ALA B 206 5.00 8.51 -11.89
N ILE B 207 4.76 9.75 -12.29
CA ILE B 207 3.47 10.12 -12.94
C ILE B 207 3.19 9.42 -14.22
N GLU B 208 4.21 9.31 -15.07
CA GLU B 208 4.06 8.63 -16.35
C GLU B 208 3.84 7.09 -16.29
N GLN B 209 4.04 6.48 -15.13
CA GLN B 209 3.75 5.06 -14.92
C GLN B 209 2.32 4.84 -14.40
N MET B 210 1.57 5.90 -14.10
CA MET B 210 0.21 5.73 -13.65
C MET B 210 -0.61 5.09 -14.76
N GLU B 211 -1.51 4.19 -14.36
CA GLU B 211 -2.48 3.64 -15.35
C GLU B 211 -3.34 4.71 -16.02
N VAL B 212 -3.85 5.65 -15.24
CA VAL B 212 -4.68 6.72 -15.81
C VAL B 212 -3.95 7.62 -16.80
N TYR B 213 -2.67 7.85 -16.58
CA TYR B 213 -1.84 8.53 -17.56
C TYR B 213 -1.84 7.77 -18.90
N HIS B 214 -1.66 6.44 -18.86
CA HIS B 214 -1.68 5.62 -20.08
C HIS B 214 -3.04 5.60 -20.79
N LYS B 215 -4.12 5.76 -20.02
CA LYS B 215 -5.48 5.69 -20.52
C LYS B 215 -6.03 7.03 -21.00
N ASP B 216 -5.44 8.15 -20.58
CA ASP B 216 -6.07 9.47 -20.79
C ASP B 216 -5.21 10.49 -21.58
N ALA B 217 -5.53 10.68 -22.87
CA ALA B 217 -4.79 11.63 -23.73
C ALA B 217 -4.73 13.10 -23.23
N PRO B 218 -5.86 13.61 -22.77
CA PRO B 218 -5.82 15.00 -22.28
C PRO B 218 -4.84 15.19 -21.11
N LEU B 219 -4.87 14.30 -20.11
CA LEU B 219 -3.94 14.36 -18.99
C LEU B 219 -2.53 14.39 -19.55
N ARG B 220 -2.25 13.54 -20.54
CA ARG B 220 -0.84 13.46 -21.08
C ARG B 220 -0.43 14.76 -21.79
N THR B 221 -1.39 15.47 -22.32
CA THR B 221 -1.15 16.77 -22.95
C THR B 221 -0.90 17.84 -21.91
N ALA B 222 -1.68 17.85 -20.84
CA ALA B 222 -1.52 18.86 -19.81
C ALA B 222 -0.18 18.72 -19.15
N LEU B 223 0.22 17.48 -18.89
CA LEU B 223 1.52 17.19 -18.28
C LEU B 223 2.70 17.57 -19.18
N SER B 224 2.55 17.38 -20.49
CA SER B 224 3.70 17.79 -21.38
C SER B 224 3.87 19.29 -21.35
N SER B 225 2.75 20.01 -21.33
CA SER B 225 2.83 21.49 -21.14
C SER B 225 3.52 21.86 -19.83
N LEU B 226 3.12 21.22 -18.73
CA LEU B 226 3.74 21.51 -17.47
C LEU B 226 5.21 21.17 -17.50
N LYS B 227 5.59 20.02 -18.01
CA LYS B 227 7.04 19.67 -18.07
C LYS B 227 7.85 20.69 -18.90
N ASP B 228 7.30 21.19 -20.00
CA ASP B 228 7.97 22.23 -20.80
C ASP B 228 8.24 23.45 -19.94
N PHE B 229 7.23 23.84 -19.16
CA PHE B 229 7.33 24.99 -18.29
C PHE B 229 8.37 24.74 -17.24
N LEU B 230 8.33 23.56 -16.59
CA LEU B 230 9.21 23.34 -15.46
C LEU B 230 10.63 23.01 -15.82
N ARG B 231 10.85 22.34 -16.94
CA ARG B 231 12.18 21.82 -17.19
C ARG B 231 13.28 22.88 -17.10
N PRO B 232 13.08 24.04 -17.72
CA PRO B 232 14.17 25.04 -17.61
C PRO B 232 14.22 25.76 -16.29
N ARG B 233 13.22 25.58 -15.45
CA ARG B 233 13.16 26.33 -14.22
C ARG B 233 13.69 25.55 -13.00
N VAL B 234 13.62 24.23 -13.03
CA VAL B 234 13.99 23.48 -11.84
C VAL B 234 15.30 22.82 -12.24
N PRO B 235 16.04 22.26 -11.27
CA PRO B 235 17.36 21.69 -11.55
C PRO B 235 17.32 20.53 -12.50
N THR B 236 18.35 20.40 -13.36
CA THR B 236 18.45 19.27 -14.28
C THR B 236 19.37 18.22 -13.66
N ASP B 237 20.26 18.62 -12.75
CA ASP B 237 21.03 17.67 -11.97
C ASP B 237 20.25 17.24 -10.71
N ALA B 238 20.90 16.51 -9.81
CA ALA B 238 20.24 15.98 -8.61
C ALA B 238 20.25 16.94 -7.39
N SER B 239 20.48 18.23 -7.61
CA SER B 239 20.53 19.17 -6.50
C SER B 239 19.18 19.41 -5.86
N ILE B 240 19.21 19.72 -4.57
CA ILE B 240 18.03 20.16 -3.85
C ILE B 240 18.10 21.68 -3.81
N THR B 241 18.07 22.27 -4.99
CA THR B 241 18.28 23.70 -5.27
C THR B 241 16.92 24.23 -5.68
N PRO B 242 16.28 25.08 -4.86
CA PRO B 242 14.99 25.67 -5.20
C PRO B 242 15.15 26.63 -6.39
N PRO B 243 14.10 26.82 -7.22
CA PRO B 243 12.79 26.17 -7.17
C PRO B 243 12.82 24.70 -7.58
N LEU B 244 11.98 23.90 -6.94
CA LEU B 244 12.04 22.45 -7.18
C LEU B 244 10.68 21.76 -6.98
N THR B 245 10.55 20.59 -7.61
CA THR B 245 9.32 19.79 -7.55
C THR B 245 9.39 18.90 -6.32
N GLY B 246 8.75 19.34 -5.25
CA GLY B 246 8.98 18.79 -3.92
C GLY B 246 7.91 17.85 -3.40
N LEU B 247 6.73 17.92 -3.99
CA LEU B 247 5.61 17.02 -3.66
C LEU B 247 4.75 16.73 -4.86
N ILE B 248 4.23 15.51 -4.84
CA ILE B 248 3.18 15.08 -5.66
C ILE B 248 1.94 14.82 -4.78
N GLY B 249 0.86 15.38 -5.18
CA GLY B 249 -0.42 15.15 -4.51
C GLY B 249 -1.44 14.42 -5.32
N VAL B 250 -2.21 13.58 -4.63
CA VAL B 250 -3.37 12.97 -5.23
C VAL B 250 -4.53 12.98 -4.28
N ASP B 251 -5.72 12.88 -4.82
CA ASP B 251 -6.92 12.62 -4.07
C ASP B 251 -7.09 11.10 -4.00
N CYS B 252 -7.52 10.61 -2.83
CA CYS B 252 -7.66 9.13 -2.60
C CYS B 252 -9.02 8.71 -2.97
N ILE B 253 -9.33 8.92 -4.25
CA ILE B 253 -10.54 8.59 -4.87
C ILE B 253 -10.29 7.92 -6.20
N ASP B 254 -11.35 7.49 -6.84
CA ASP B 254 -11.37 6.97 -8.23
C ASP B 254 -10.35 7.71 -9.07
N PRO B 255 -9.34 6.98 -9.57
CA PRO B 255 -8.26 7.68 -10.23
C PRO B 255 -8.67 8.49 -11.48
N MET B 256 -9.82 8.18 -12.07
CA MET B 256 -10.38 8.96 -13.18
C MET B 256 -10.92 10.29 -12.69
N LEU B 257 -11.23 10.42 -11.41
CA LEU B 257 -11.68 11.72 -10.84
C LEU B 257 -10.65 12.48 -9.99
N SER B 258 -9.54 11.83 -9.65
CA SER B 258 -8.57 12.42 -8.78
C SER B 258 -7.79 13.51 -9.51
N ARG B 259 -7.58 14.64 -8.86
CA ARG B 259 -6.63 15.67 -9.33
C ARG B 259 -5.25 15.33 -8.92
N LEU B 260 -4.32 15.37 -9.87
CA LEU B 260 -2.97 15.18 -9.67
C LEU B 260 -2.33 16.58 -9.43
N LYS B 261 -1.52 16.73 -8.40
CA LYS B 261 -0.84 17.99 -8.10
C LYS B 261 0.67 17.83 -8.06
N VAL B 262 1.36 18.79 -8.66
CA VAL B 262 2.74 18.87 -8.61
C VAL B 262 3.04 20.19 -7.90
N TYR B 263 3.78 20.13 -6.82
CA TYR B 263 4.01 21.26 -5.94
C TYR B 263 5.46 21.64 -6.00
N LEU B 264 5.70 22.93 -6.33
CA LEU B 264 7.01 23.54 -6.32
C LEU B 264 7.28 24.30 -5.03
N ALA B 265 8.49 24.19 -4.55
CA ALA B 265 8.87 24.93 -3.38
C ALA B 265 9.94 25.88 -3.83
N THR B 266 9.87 27.12 -3.34
CA THR B 266 10.96 28.03 -3.57
C THR B 266 11.05 29.06 -2.45
N PHE B 267 12.24 29.60 -2.24
CA PHE B 267 12.43 30.66 -1.25
C PHE B 267 12.48 32.05 -1.83
N ARG B 268 12.57 32.18 -3.14
CA ARG B 268 12.47 33.48 -3.81
C ARG B 268 11.14 33.69 -4.42
N MET B 269 10.55 34.84 -4.10
CA MET B 269 9.35 35.31 -4.72
C MET B 269 9.44 36.83 -4.80
N ASP B 270 8.92 37.36 -5.88
CA ASP B 270 8.87 38.78 -6.14
C ASP B 270 7.86 38.86 -7.26
N LEU B 271 7.55 40.06 -7.71
CA LEU B 271 6.41 40.21 -8.61
C LEU B 271 6.68 39.45 -9.91
N SER B 272 7.91 39.50 -10.41
CA SER B 272 8.20 38.89 -11.73
C SER B 272 8.04 37.38 -11.62
N LEU B 273 8.46 36.79 -10.49
CA LEU B 273 8.28 35.33 -10.28
C LEU B 273 6.80 34.96 -10.11
N ILE B 274 6.04 35.74 -9.39
CA ILE B 274 4.63 35.42 -9.24
C ILE B 274 3.97 35.35 -10.59
N ARG B 275 4.16 36.39 -11.39
CA ARG B 275 3.61 36.41 -12.76
C ARG B 275 4.09 35.18 -13.57
N ASP B 276 5.38 34.88 -13.55
CA ASP B 276 5.91 33.73 -14.27
C ASP B 276 5.20 32.36 -13.85
N TYR B 277 5.07 32.15 -12.53
CA TYR B 277 4.42 30.90 -12.02
C TYR B 277 2.94 30.89 -12.34
N TRP B 278 2.30 32.02 -12.10
CA TRP B 278 0.87 32.13 -12.23
C TRP B 278 0.42 31.93 -13.65
N THR B 279 1.21 32.41 -14.63
CA THR B 279 0.77 32.40 -16.04
C THR B 279 1.43 31.29 -16.83
N LEU B 280 2.26 30.48 -16.19
CA LEU B 280 3.05 29.43 -16.86
C LEU B 280 3.92 30.00 -17.99
N GLY B 281 4.64 31.06 -17.62
CA GLY B 281 5.67 31.62 -18.48
C GLY B 281 5.05 32.25 -19.69
N GLY B 282 3.87 32.82 -19.48
CA GLY B 282 3.19 33.57 -20.49
C GLY B 282 2.24 32.77 -21.30
N LEU B 283 2.09 31.49 -20.98
CA LEU B 283 1.14 30.62 -21.68
C LEU B 283 -0.31 31.05 -21.44
N LEU B 284 -0.66 31.40 -20.20
CA LEU B 284 -2.05 31.79 -19.89
C LEU B 284 -2.14 33.30 -19.82
N THR B 285 -2.99 33.88 -20.65
CA THR B 285 -3.07 35.31 -20.84
C THR B 285 -4.49 35.83 -20.79
N ASP B 286 -5.46 34.97 -20.46
CA ASP B 286 -6.86 35.35 -20.57
C ASP B 286 -7.34 36.29 -19.45
N ALA B 287 -8.53 36.88 -19.62
CA ALA B 287 -9.02 37.87 -18.65
C ALA B 287 -9.13 37.19 -17.27
N GLY B 288 -9.53 35.93 -17.25
CA GLY B 288 -9.66 35.18 -15.96
C GLY B 288 -8.39 35.07 -15.20
N THR B 289 -7.41 34.51 -15.87
CA THR B 289 -6.07 34.41 -15.33
C THR B 289 -5.59 35.74 -14.81
N MET B 290 -5.80 36.81 -15.61
CA MET B 290 -5.25 38.13 -15.16
C MET B 290 -6.02 38.72 -13.97
N LYS B 291 -7.33 38.47 -13.90
CA LYS B 291 -8.14 38.95 -12.76
C LYS B 291 -7.62 38.23 -11.49
N GLY B 292 -7.37 36.94 -11.60
CA GLY B 292 -6.65 36.24 -10.53
C GLY B 292 -5.26 36.76 -10.25
N LEU B 293 -4.47 37.07 -11.28
CA LEU B 293 -3.15 37.54 -10.99
C LEU B 293 -3.22 38.83 -10.18
N GLU B 294 -4.19 39.70 -10.52
CA GLU B 294 -4.38 40.99 -9.81
C GLU B 294 -4.62 40.75 -8.30
N MET B 295 -5.51 39.80 -8.03
CA MET B 295 -5.80 39.32 -6.68
C MET B 295 -4.52 38.99 -5.96
N VAL B 296 -3.72 38.14 -6.57
CA VAL B 296 -2.56 37.59 -5.94
C VAL B 296 -1.54 38.65 -5.70
N GLU B 297 -1.33 39.52 -6.69
CA GLU B 297 -0.40 40.64 -6.54
C GLU B 297 -0.78 41.57 -5.40
N THR B 298 -2.07 41.86 -5.30
CA THR B 298 -2.67 42.70 -4.30
C THR B 298 -2.58 42.07 -2.95
N LEU B 299 -2.72 40.74 -2.89
CA LEU B 299 -2.59 40.03 -1.61
C LEU B 299 -1.17 40.16 -1.16
N ALA B 300 -0.23 39.98 -2.07
CA ALA B 300 1.20 40.04 -1.71
C ALA B 300 1.58 41.46 -1.21
N LYS B 301 0.91 42.48 -1.79
CA LYS B 301 1.12 43.86 -1.40
C LYS B 301 0.46 44.15 -0.05
N THR B 302 -0.81 43.80 0.14
CA THR B 302 -1.44 44.00 1.41
C THR B 302 -0.64 43.35 2.56
N LEU B 303 0.07 42.25 2.31
CA LEU B 303 0.90 41.57 3.35
C LEU B 303 2.28 42.18 3.59
N LEU B 318 10.09 28.72 6.10
CA LEU B 318 9.11 28.08 5.21
C LEU B 318 9.15 28.60 3.73
N PRO B 319 9.22 27.68 2.75
CA PRO B 319 9.26 28.16 1.37
C PRO B 319 7.91 28.57 0.89
N PHE B 320 7.86 29.39 -0.17
CA PHE B 320 6.63 29.60 -0.87
C PHE B 320 6.31 28.32 -1.62
N GLY B 321 5.04 28.09 -1.82
CA GLY B 321 4.56 26.98 -2.58
C GLY B 321 3.81 27.40 -3.80
N ILE B 322 3.96 26.58 -4.86
CA ILE B 322 3.24 26.74 -6.08
C ILE B 322 2.71 25.37 -6.53
N ASN B 323 1.42 25.25 -6.58
CA ASN B 323 0.76 23.95 -6.77
C ASN B 323 -0.02 23.93 -8.02
N TYR B 324 0.46 23.17 -9.00
CA TYR B 324 -0.26 22.95 -10.26
C TYR B 324 -1.09 21.70 -10.20
N ALA B 325 -2.37 21.83 -10.51
CA ALA B 325 -3.33 20.75 -10.41
C ALA B 325 -3.83 20.32 -11.79
N MET B 326 -3.85 19.01 -12.06
CA MET B 326 -4.37 18.43 -13.29
C MET B 326 -5.40 17.34 -13.05
N LYS B 327 -6.35 17.19 -13.97
CA LYS B 327 -7.45 16.25 -13.84
C LYS B 327 -7.54 15.44 -15.12
N PRO B 328 -7.74 14.11 -15.00
CA PRO B 328 -8.03 13.36 -16.22
C PRO B 328 -9.16 14.00 -17.02
N GLY B 329 -9.04 14.05 -18.34
CA GLY B 329 -10.10 14.59 -19.18
C GLY B 329 -9.90 16.03 -19.52
N THR B 330 -8.91 16.70 -18.94
CA THR B 330 -8.68 18.13 -19.18
C THR B 330 -7.30 18.29 -19.76
N ALA B 331 -7.19 18.86 -20.97
CA ALA B 331 -5.87 19.02 -21.64
C ALA B 331 -5.19 20.31 -21.29
N GLU B 332 -5.95 21.27 -20.77
CA GLU B 332 -5.37 22.59 -20.56
C GLU B 332 -5.03 22.85 -19.08
N LEU B 333 -3.87 23.46 -18.83
CA LEU B 333 -3.47 23.87 -17.49
C LEU B 333 -4.18 25.15 -17.02
N ALA B 334 -4.43 25.21 -15.72
CA ALA B 334 -4.99 26.37 -15.05
C ALA B 334 -3.86 26.98 -14.22
N PRO B 335 -4.01 28.26 -13.75
CA PRO B 335 -3.13 28.87 -12.80
C PRO B 335 -2.98 27.99 -11.56
N PRO B 336 -1.82 28.03 -10.92
CA PRO B 336 -1.60 27.21 -9.77
C PRO B 336 -2.27 27.85 -8.57
N GLN B 337 -2.33 27.09 -7.47
CA GLN B 337 -2.53 27.70 -6.20
C GLN B 337 -1.18 28.16 -5.66
N ILE B 338 -1.13 29.37 -5.12
CA ILE B 338 0.10 29.91 -4.56
C ILE B 338 -0.06 30.05 -3.05
N TYR B 339 0.94 29.56 -2.35
CA TYR B 339 0.94 29.48 -0.87
C TYR B 339 1.99 30.43 -0.32
N PHE B 340 1.52 31.36 0.49
CA PHE B 340 2.42 32.29 1.20
C PHE B 340 2.62 31.79 2.62
N PRO B 341 3.85 31.60 3.04
CA PRO B 341 4.18 31.32 4.39
C PRO B 341 3.97 32.55 5.29
N LEU B 342 3.26 32.37 6.40
CA LEU B 342 2.95 33.45 7.33
C LEU B 342 3.63 33.28 8.70
N LEU B 343 4.43 32.22 8.87
CA LEU B 343 5.15 32.00 10.12
C LEU B 343 6.03 33.20 10.37
N GLY B 344 6.06 33.69 11.60
CA GLY B 344 6.96 34.80 11.97
C GLY B 344 6.34 36.18 11.82
N ILE B 345 5.15 36.24 11.27
CA ILE B 345 4.40 37.45 11.06
C ILE B 345 3.22 37.60 12.01
N ASN B 346 3.11 38.77 12.63
CA ASN B 346 2.11 38.99 13.65
C ASN B 346 0.71 38.65 13.19
N ASP B 347 -0.03 37.88 14.01
CA ASP B 347 -1.33 37.40 13.61
C ASP B 347 -2.40 38.47 13.65
N GLY B 348 -2.22 39.48 14.50
CA GLY B 348 -3.17 40.63 14.46
C GLY B 348 -3.04 41.42 13.16
N PHE B 349 -1.80 41.63 12.73
CA PHE B 349 -1.51 42.23 11.42
C PHE B 349 -2.13 41.39 10.32
N ILE B 350 -1.94 40.05 10.37
CA ILE B 350 -2.47 39.20 9.33
C ILE B 350 -3.93 39.36 9.29
N ALA B 351 -4.59 39.35 10.43
CA ALA B 351 -6.01 39.50 10.41
C ALA B 351 -6.45 40.89 9.84
N ASP B 352 -5.77 41.95 10.24
CA ASP B 352 -6.05 43.29 9.63
C ASP B 352 -5.89 43.23 8.08
N ALA B 353 -4.78 42.66 7.61
CA ALA B 353 -4.53 42.48 6.15
C ALA B 353 -5.64 41.72 5.45
N LEU B 354 -6.10 40.65 6.07
CA LEU B 354 -7.14 39.82 5.49
C LEU B 354 -8.46 40.57 5.39
N VAL B 355 -8.80 41.33 6.43
CA VAL B 355 -10.01 42.13 6.42
C VAL B 355 -9.92 43.12 5.26
N GLU B 356 -8.79 43.80 5.16
CA GLU B 356 -8.58 44.71 4.01
C GLU B 356 -8.71 43.99 2.65
N PHE B 357 -8.06 42.82 2.53
CA PHE B 357 -8.13 42.04 1.31
C PHE B 357 -9.54 41.60 1.02
N PHE B 358 -10.26 41.11 2.03
CA PHE B 358 -11.65 40.68 1.83
C PHE B 358 -12.55 41.83 1.36
N GLN B 359 -12.22 43.03 1.82
CA GLN B 359 -12.89 44.25 1.33
C GLN B 359 -12.58 44.48 -0.16
N TYR B 360 -11.30 44.50 -0.52
CA TYR B 360 -10.91 44.52 -1.94
C TYR B 360 -11.74 43.55 -2.80
N MET B 361 -12.00 42.34 -2.26
CA MET B 361 -12.69 41.29 -3.02
C MET B 361 -14.17 41.49 -3.06
N GLY B 362 -14.65 42.42 -2.23
CA GLY B 362 -16.05 42.58 -1.99
C GLY B 362 -16.71 41.45 -1.23
N TRP B 363 -15.96 40.64 -0.46
CA TRP B 363 -16.62 39.62 0.37
C TRP B 363 -16.89 40.30 1.72
N GLU B 364 -17.92 41.13 1.79
CA GLU B 364 -18.01 42.08 2.93
C GLU B 364 -18.34 41.33 4.23
N ASP B 365 -19.21 40.34 4.13
CA ASP B 365 -19.48 39.42 5.24
C ASP B 365 -18.24 38.87 5.91
N GLN B 366 -17.29 38.38 5.11
CA GLN B 366 -16.04 37.85 5.60
C GLN B 366 -15.26 38.93 6.27
N ALA B 367 -15.21 40.10 5.64
CA ALA B 367 -14.48 41.22 6.23
C ALA B 367 -15.07 41.55 7.64
N ASN B 368 -16.38 41.49 7.77
CA ASN B 368 -17.05 41.90 9.02
C ASN B 368 -16.90 40.89 10.14
N ARG B 369 -16.85 39.60 9.78
CA ARG B 369 -16.72 38.50 10.74
C ARG B 369 -15.29 38.05 11.05
N TYR B 370 -14.30 38.33 10.21
CA TYR B 370 -13.03 37.60 10.31
C TYR B 370 -12.33 37.69 11.64
N LYS B 371 -12.18 38.91 12.16
CA LYS B 371 -11.42 39.11 13.39
C LYS B 371 -12.17 38.56 14.58
N ASP B 372 -13.51 38.68 14.64
CA ASP B 372 -14.26 38.13 15.78
C ASP B 372 -14.33 36.59 15.74
N GLU B 373 -14.49 36.04 14.55
CA GLU B 373 -14.49 34.61 14.39
C GLU B 373 -13.12 34.00 14.67
N LEU B 374 -12.05 34.71 14.34
CA LEU B 374 -10.71 34.28 14.71
C LEU B 374 -10.48 34.19 16.20
N LYS B 375 -10.92 35.21 16.89
CA LYS B 375 -10.79 35.28 18.32
C LYS B 375 -11.57 34.16 18.96
N ALA B 376 -12.78 33.90 18.48
CA ALA B 376 -13.61 32.81 18.94
C ALA B 376 -12.96 31.41 18.68
N LYS B 377 -12.24 31.24 17.56
CA LYS B 377 -11.61 29.98 17.20
C LYS B 377 -10.51 29.69 18.26
N PHE B 378 -9.78 30.73 18.68
CA PHE B 378 -8.61 30.63 19.56
C PHE B 378 -8.69 31.43 20.91
N PRO B 379 -9.69 31.16 21.70
CA PRO B 379 -9.92 31.97 22.92
C PRO B 379 -8.78 32.06 23.92
N ASN B 380 -7.83 31.11 23.92
CA ASN B 380 -6.78 31.04 24.94
C ASN B 380 -5.53 31.83 24.60
N VAL B 381 -5.50 32.39 23.42
CA VAL B 381 -4.37 33.14 23.00
C VAL B 381 -4.92 34.54 22.69
N ASP B 382 -4.03 35.50 22.66
CA ASP B 382 -4.32 36.82 22.16
C ASP B 382 -3.53 37.05 20.86
N ILE B 383 -4.28 37.19 19.77
CA ILE B 383 -3.69 37.14 18.42
C ILE B 383 -2.79 38.33 18.13
N SER B 384 -3.14 39.49 18.72
CA SER B 384 -2.30 40.68 18.63
C SER B 384 -0.85 40.43 19.10
N GLN B 385 -0.63 39.37 19.88
CA GLN B 385 0.72 39.02 20.38
C GLN B 385 1.37 37.74 19.77
N THR B 386 0.63 36.91 19.07
CA THR B 386 1.24 35.70 18.47
C THR B 386 1.71 35.97 17.05
N LYS B 387 2.71 35.21 16.61
CA LYS B 387 3.16 35.22 15.23
C LYS B 387 3.07 33.81 14.56
N ASN B 388 2.47 32.87 15.27
CA ASN B 388 2.49 31.41 14.99
C ASN B 388 1.24 30.78 14.50
N VAL B 389 0.14 31.44 14.75
CA VAL B 389 -1.14 30.83 14.58
C VAL B 389 -1.57 30.73 13.10
N HIS B 390 -1.47 31.82 12.33
CA HIS B 390 -1.59 31.70 10.92
C HIS B 390 -0.33 31.10 10.37
N ARG B 391 -0.43 29.99 9.65
CA ARG B 391 0.79 29.41 9.10
C ARG B 391 0.95 29.56 7.56
N TRP B 392 -0.15 29.47 6.83
CA TRP B 392 -0.10 29.58 5.40
C TRP B 392 -1.32 30.29 4.97
N LEU B 393 -1.21 30.96 3.81
CA LEU B 393 -2.36 31.46 3.11
C LEU B 393 -2.21 30.96 1.68
N GLY B 394 -3.19 30.21 1.20
CA GLY B 394 -3.24 29.76 -0.17
C GLY B 394 -4.25 30.58 -0.97
N VAL B 395 -3.88 31.00 -2.18
CA VAL B 395 -4.87 31.71 -3.05
C VAL B 395 -4.97 31.05 -4.41
N ALA B 396 -6.17 30.92 -4.90
CA ALA B 396 -6.40 30.23 -6.13
C ALA B 396 -7.46 30.93 -6.85
N TYR B 397 -7.50 30.67 -8.15
CA TYR B 397 -8.60 31.13 -8.96
C TYR B 397 -8.92 30.05 -10.01
N SER B 398 -10.19 29.78 -10.28
CA SER B 398 -10.57 28.89 -11.38
C SER B 398 -11.70 29.54 -12.12
N GLU B 399 -11.83 29.21 -13.40
CA GLU B 399 -12.84 29.84 -14.24
C GLU B 399 -14.22 29.35 -13.80
N THR B 400 -14.34 28.09 -13.42
CA THR B 400 -15.66 27.54 -13.04
C THR B 400 -16.19 28.18 -11.77
N LYS B 401 -15.32 28.21 -10.77
CA LYS B 401 -15.74 28.30 -9.38
C LYS B 401 -15.45 29.65 -8.76
N GLY B 402 -14.57 30.47 -9.34
CA GLY B 402 -14.25 31.75 -8.73
C GLY B 402 -12.92 31.72 -7.99
N PRO B 403 -12.61 32.80 -7.27
CA PRO B 403 -11.46 32.85 -6.40
C PRO B 403 -11.71 32.13 -5.06
N SER B 404 -10.66 31.64 -4.45
CA SER B 404 -10.84 30.87 -3.21
C SER B 404 -9.61 31.20 -2.45
N MET B 405 -9.70 31.12 -1.14
CA MET B 405 -8.62 31.39 -0.30
C MET B 405 -8.58 30.29 0.80
N ASN B 406 -7.40 29.81 1.10
CA ASN B 406 -7.20 28.77 2.07
C ASN B 406 -6.30 29.29 3.17
N ILE B 407 -6.79 29.29 4.41
CA ILE B 407 -5.98 29.79 5.52
C ILE B 407 -5.67 28.56 6.42
N TYR B 408 -4.41 28.36 6.74
CA TYR B 408 -3.94 27.22 7.49
C TYR B 408 -3.51 27.72 8.86
N TYR B 409 -4.04 27.09 9.89
CA TYR B 409 -3.74 27.44 11.27
C TYR B 409 -3.00 26.32 12.00
N ASP B 410 -2.05 26.73 12.79
CA ASP B 410 -1.42 25.87 13.79
C ASP B 410 -2.37 25.83 15.03
N VAL B 411 -3.29 24.87 15.01
CA VAL B 411 -4.34 24.79 15.99
C VAL B 411 -3.73 24.64 17.37
N VAL B 412 -2.63 23.89 17.49
CA VAL B 412 -2.05 23.69 18.82
C VAL B 412 -1.46 25.03 19.31
N ALA B 413 -0.72 25.74 18.45
CA ALA B 413 -0.24 27.10 18.78
C ALA B 413 -1.34 28.01 19.22
N GLY B 414 -2.51 27.88 18.66
CA GLY B 414 -3.63 28.72 19.07
C GLY B 414 -4.31 28.36 20.36
N ASN B 415 -3.90 27.25 20.99
CA ASN B 415 -4.61 26.70 22.15
C ASN B 415 -3.63 26.62 23.30
N VAL B 416 -2.38 26.68 22.94
CA VAL B 416 -1.20 26.23 23.70
C VAL B 416 -1.28 24.70 23.85
#